data_8I28
#
_entry.id   8I28
#
_cell.length_a   132.278
_cell.length_b   132.278
_cell.length_c   141.620
_cell.angle_alpha   90.00
_cell.angle_beta   90.00
_cell.angle_gamma   120.00
#
_symmetry.space_group_name_H-M   'P 31 2 1'
#
loop_
_entity.id
_entity.type
_entity.pdbx_description
1 polymer 'Phosphoserine aminotransferase'
2 water water
#
_entity_poly.entity_id   1
_entity_poly.type   'polypeptide(L)'
_entity_poly.pdbx_seq_one_letter_code
;MSLEREEPQHFGAGPAQMPTPVLQQAAKDLINFNDIGLGIGEISHRSKDATKVIEDSKKHLIELLNIPDTHEVFYLQGGG
TTGFSSVATNLAAAYVGKHGKIAPAGYLVTGSWSQKSFEEAKRLHVPAEVIFNAKDYNNGKFGKIPDESLWEDKIKGKAF
SYVYLCENETVHGVEWPELPKCLVNDPNIEIVADLSSDILSRKIDVSQYGVIMAGAQKNIGLAGLTLYIIKKSILKNISG
ASDETLHELGVPITPIAFDYPTVVKNNSAYNTIPIFTLHVMDLVFQHILKKGGVEAQQAENEEKAKILYEALDANSDFYN
VPVDPKCRSKMNVVFTLKKDGLDDQFLKEAAARHLTGLKGHRSVGGFRASIYNALSVKAVQNLVDFIKEFAEKNA
;
_entity_poly.pdbx_strand_id   A,B
#
# COMPACT_ATOMS: atom_id res chain seq x y z
N ILE A 54 31.39 -7.42 14.02
CA ILE A 54 30.15 -8.10 14.39
C ILE A 54 28.99 -7.10 14.29
N GLU A 55 28.41 -7.00 13.10
CA GLU A 55 27.39 -5.99 12.83
C GLU A 55 25.99 -6.56 13.04
N ASP A 56 25.25 -5.93 13.94
CA ASP A 56 23.85 -6.27 14.13
C ASP A 56 23.04 -5.45 13.14
N SER A 57 23.06 -5.93 11.90
CA SER A 57 22.10 -5.54 10.88
C SER A 57 20.69 -5.92 11.28
N LYS A 58 20.54 -6.77 12.30
CA LYS A 58 19.24 -7.04 12.88
C LYS A 58 18.56 -5.75 13.28
N LYS A 59 19.30 -4.82 13.90
CA LYS A 59 18.65 -3.65 14.48
C LYS A 59 17.91 -2.84 13.43
N HIS A 60 18.44 -2.79 12.20
CA HIS A 60 17.79 -1.96 11.19
C HIS A 60 16.58 -2.66 10.60
N LEU A 61 16.67 -3.98 10.40
CA LEU A 61 15.49 -4.75 10.05
C LEU A 61 14.38 -4.56 11.07
N ILE A 62 14.70 -4.69 12.36
CA ILE A 62 13.71 -4.51 13.42
C ILE A 62 13.04 -3.16 13.28
N GLU A 63 13.81 -2.11 12.98
CA GLU A 63 13.21 -0.79 12.75
C GLU A 63 12.41 -0.77 11.45
N LEU A 64 12.88 -1.50 10.43
CA LEU A 64 12.23 -1.43 9.13
C LEU A 64 10.84 -2.04 9.15
N LEU A 65 10.62 -3.06 9.98
CA LEU A 65 9.36 -3.78 9.99
C LEU A 65 8.61 -3.67 11.29
N ASN A 66 9.10 -2.92 12.26
CA ASN A 66 8.46 -2.81 13.56
C ASN A 66 8.28 -4.22 14.16
N ILE A 67 9.37 -4.98 14.15
CA ILE A 67 9.35 -6.35 14.64
C ILE A 67 9.17 -6.32 16.16
N PRO A 68 8.10 -6.90 16.69
CA PRO A 68 7.83 -6.84 18.12
C PRO A 68 8.77 -7.75 18.90
N ASP A 69 8.79 -7.55 20.22
CA ASP A 69 9.65 -8.35 21.10
C ASP A 69 9.25 -9.81 21.16
N THR A 70 8.06 -10.17 20.62
CA THR A 70 7.64 -11.56 20.58
C THR A 70 8.42 -12.35 19.54
N HIS A 71 9.07 -11.67 18.60
CA HIS A 71 9.71 -12.31 17.47
C HIS A 71 11.20 -12.07 17.53
N GLU A 72 11.90 -12.92 16.82
CA GLU A 72 13.34 -12.85 16.76
C GLU A 72 13.76 -12.89 15.30
N VAL A 73 14.63 -11.95 14.91
CA VAL A 73 15.26 -12.01 13.60
C VAL A 73 16.46 -12.95 13.67
N PHE A 74 16.66 -13.69 12.60
CA PHE A 74 17.88 -14.48 12.41
C PHE A 74 17.99 -14.82 10.93
N TYR A 75 19.19 -15.19 10.52
CA TYR A 75 19.48 -15.47 9.12
C TYR A 75 20.02 -16.87 8.98
N LEU A 76 19.81 -17.44 7.80
CA LEU A 76 20.33 -18.76 7.49
C LEU A 76 20.84 -18.73 6.07
N GLN A 77 21.86 -19.55 5.81
CA GLN A 77 22.46 -19.58 4.50
C GLN A 77 21.66 -20.49 3.61
N GLY A 78 21.24 -19.98 2.45
CA GLY A 78 20.68 -20.93 1.52
C GLY A 78 19.59 -20.50 0.56
N GLY A 79 18.71 -19.56 0.92
CA GLY A 79 17.59 -19.24 0.06
C GLY A 79 16.91 -20.52 -0.45
N GLY A 80 16.42 -20.45 -1.69
CA GLY A 80 15.85 -21.61 -2.38
C GLY A 80 15.18 -22.67 -1.53
N THR A 81 15.71 -23.89 -1.62
CA THR A 81 15.08 -25.04 -1.00
C THR A 81 15.33 -25.13 0.49
N THR A 82 16.47 -24.61 0.95
CA THR A 82 16.83 -24.70 2.37
C THR A 82 15.69 -24.24 3.26
N GLY A 83 14.95 -23.22 2.82
CA GLY A 83 13.87 -22.71 3.65
C GLY A 83 12.69 -23.66 3.71
N PHE A 84 12.30 -24.24 2.57
CA PHE A 84 11.29 -25.29 2.57
C PHE A 84 11.60 -26.32 3.63
N SER A 85 12.76 -26.95 3.50
CA SER A 85 13.07 -28.08 4.33
C SER A 85 13.02 -27.70 5.80
N SER A 86 13.79 -26.69 6.18
CA SER A 86 13.97 -26.46 7.60
C SER A 86 12.71 -25.93 8.26
N VAL A 87 11.87 -25.18 7.53
CA VAL A 87 10.67 -24.62 8.16
C VAL A 87 9.65 -25.72 8.48
N ALA A 88 9.55 -26.76 7.62
CA ALA A 88 8.53 -27.78 7.81
C ALA A 88 8.86 -28.68 9.01
N THR A 89 10.08 -29.22 9.05
CA THR A 89 10.41 -30.12 10.17
C THR A 89 10.54 -29.35 11.47
N ASN A 90 11.08 -28.13 11.42
CA ASN A 90 11.13 -27.30 12.62
C ASN A 90 9.74 -27.06 13.17
N LEU A 91 8.81 -26.63 12.31
CA LEU A 91 7.50 -26.22 12.79
C LEU A 91 6.60 -27.40 13.12
N ALA A 92 6.84 -28.53 12.46
CA ALA A 92 6.23 -29.79 12.91
C ALA A 92 6.66 -30.11 14.33
N ALA A 93 7.96 -30.03 14.62
CA ALA A 93 8.46 -30.21 15.98
C ALA A 93 7.83 -29.22 16.94
N ALA A 94 7.60 -27.99 16.50
CA ALA A 94 7.00 -27.00 17.38
C ALA A 94 5.61 -27.43 17.83
N TYR A 95 4.86 -28.10 16.95
CA TYR A 95 3.53 -28.60 17.32
C TYR A 95 3.64 -29.68 18.38
N VAL A 96 4.52 -30.66 18.17
CA VAL A 96 4.81 -31.64 19.20
C VAL A 96 5.31 -30.99 20.49
N GLY A 97 5.80 -29.75 20.41
CA GLY A 97 6.07 -28.99 21.61
C GLY A 97 4.80 -28.65 22.39
N LYS A 98 3.95 -27.77 21.84
CA LYS A 98 2.73 -27.33 22.53
C LYS A 98 1.87 -28.51 22.96
N HIS A 99 1.63 -29.43 22.04
CA HIS A 99 0.73 -30.55 22.20
C HIS A 99 1.50 -31.86 22.18
N GLY A 100 0.80 -32.95 22.45
CA GLY A 100 1.48 -34.24 22.39
C GLY A 100 1.58 -34.83 21.02
N LYS A 101 0.74 -34.38 20.10
CA LYS A 101 0.55 -35.07 18.83
C LYS A 101 1.15 -34.27 17.69
N ILE A 102 1.09 -34.86 16.50
CA ILE A 102 1.45 -34.19 15.25
C ILE A 102 0.17 -33.90 14.49
N ALA A 103 0.11 -32.72 13.87
CA ALA A 103 -0.96 -32.32 12.96
C ALA A 103 -0.37 -32.08 11.57
N PRO A 104 -1.18 -32.20 10.52
CA PRO A 104 -0.67 -31.96 9.18
C PRO A 104 -0.40 -30.47 8.95
N ALA A 105 0.67 -30.19 8.22
CA ALA A 105 0.88 -28.87 7.65
C ALA A 105 -0.10 -28.64 6.51
N GLY A 106 -0.51 -27.41 6.33
CA GLY A 106 -1.40 -27.08 5.23
C GLY A 106 -0.79 -26.08 4.28
N TYR A 107 -0.93 -26.29 2.99
CA TYR A 107 -0.29 -25.44 2.00
C TYR A 107 -1.34 -24.75 1.15
N LEU A 108 -1.23 -23.42 1.04
CA LEU A 108 -2.02 -22.63 0.10
C LEU A 108 -1.16 -22.44 -1.15
N VAL A 109 -1.39 -23.28 -2.15
CA VAL A 109 -0.61 -23.27 -3.39
C VAL A 109 -1.22 -22.24 -4.35
N THR A 110 -0.57 -21.08 -4.45
CA THR A 110 -1.00 -20.06 -5.40
C THR A 110 -0.07 -19.96 -6.61
N GLY A 111 1.11 -20.55 -6.52
CA GLY A 111 1.99 -20.64 -7.66
C GLY A 111 3.08 -21.68 -7.48
N SER A 112 4.11 -21.56 -8.30
CA SER A 112 5.14 -22.60 -8.44
C SER A 112 6.03 -22.73 -7.20
N TRP A 113 6.18 -21.66 -6.42
CA TRP A 113 7.08 -21.72 -5.27
C TRP A 113 6.41 -22.40 -4.07
N SER A 114 5.18 -21.98 -3.73
CA SER A 114 4.44 -22.65 -2.67
C SER A 114 4.13 -24.10 -3.05
N GLN A 115 3.92 -24.38 -4.33
CA GLN A 115 3.85 -25.76 -4.77
C GLN A 115 5.10 -26.53 -4.36
N LYS A 116 6.28 -25.99 -4.65
CA LYS A 116 7.51 -26.71 -4.39
C LYS A 116 7.79 -26.86 -2.89
N SER A 117 7.39 -25.86 -2.07
CA SER A 117 7.45 -26.05 -0.62
C SER A 117 6.70 -27.31 -0.23
N PHE A 118 5.41 -27.36 -0.59
CA PHE A 118 4.60 -28.52 -0.25
C PHE A 118 5.28 -29.79 -0.70
N GLU A 119 5.71 -29.83 -1.97
CA GLU A 119 6.25 -31.09 -2.49
C GLU A 119 7.46 -31.55 -1.68
N GLU A 120 8.24 -30.60 -1.14
CA GLU A 120 9.40 -31.00 -0.36
C GLU A 120 9.01 -31.48 1.03
N ALA A 121 7.99 -30.87 1.62
CA ALA A 121 7.50 -31.36 2.89
C ALA A 121 6.96 -32.77 2.76
N LYS A 122 6.33 -33.08 1.62
CA LYS A 122 5.81 -34.42 1.37
C LYS A 122 6.96 -35.41 1.20
N ARG A 123 7.93 -35.05 0.38
CA ARG A 123 9.11 -35.87 0.18
C ARG A 123 9.76 -36.19 1.51
N LEU A 124 9.78 -35.22 2.42
CA LEU A 124 10.47 -35.33 3.69
C LEU A 124 9.69 -36.14 4.71
N HIS A 125 8.42 -36.40 4.47
CA HIS A 125 7.51 -36.97 5.44
C HIS A 125 7.21 -36.08 6.64
N VAL A 126 7.06 -34.80 6.36
CA VAL A 126 6.29 -33.96 7.27
C VAL A 126 4.80 -34.14 6.98
N PRO A 127 3.99 -34.39 7.97
CA PRO A 127 2.55 -34.49 7.74
C PRO A 127 2.06 -33.19 7.13
N ALA A 128 1.61 -33.23 5.89
CA ALA A 128 1.29 -32.00 5.18
C ALA A 128 0.28 -32.27 4.06
N GLU A 129 -0.59 -31.30 3.82
CA GLU A 129 -1.64 -31.38 2.80
C GLU A 129 -1.89 -30.02 2.16
N VAL A 130 -2.22 -30.02 0.87
CA VAL A 130 -2.62 -28.81 0.16
C VAL A 130 -4.04 -28.44 0.59
N ILE A 131 -4.21 -27.24 1.13
CA ILE A 131 -5.59 -26.79 1.38
C ILE A 131 -6.32 -26.47 0.08
N PHE A 132 -5.69 -25.72 -0.82
CA PHE A 132 -6.16 -25.63 -2.19
C PHE A 132 -4.93 -25.69 -3.10
N ASN A 133 -5.20 -25.70 -4.39
CA ASN A 133 -4.18 -25.53 -5.42
C ASN A 133 -4.83 -24.69 -6.49
N ALA A 134 -4.37 -23.45 -6.63
CA ALA A 134 -5.04 -22.51 -7.49
C ALA A 134 -5.18 -23.02 -8.93
N LYS A 135 -4.32 -23.96 -9.34
CA LYS A 135 -4.37 -24.47 -10.72
C LYS A 135 -5.74 -25.06 -11.03
N ASP A 136 -6.36 -25.74 -10.05
CA ASP A 136 -7.67 -26.40 -10.18
C ASP A 136 -8.80 -25.43 -10.47
N TYR A 137 -8.66 -24.15 -10.13
CA TYR A 137 -9.72 -23.19 -10.34
C TYR A 137 -9.53 -22.35 -11.60
N ASN A 138 -8.58 -22.70 -12.47
CA ASN A 138 -8.70 -22.30 -13.87
C ASN A 138 -7.86 -23.20 -14.78
N ASN A 139 -8.37 -24.41 -15.01
CA ASN A 139 -7.85 -25.29 -16.04
C ASN A 139 -6.40 -25.65 -15.80
N GLY A 140 -6.06 -25.94 -14.55
CA GLY A 140 -4.72 -26.37 -14.23
C GLY A 140 -3.64 -25.32 -14.51
N LYS A 141 -4.04 -24.07 -14.71
CA LYS A 141 -3.10 -22.98 -14.91
C LYS A 141 -3.12 -22.12 -13.66
N PHE A 142 -1.94 -21.70 -13.21
CA PHE A 142 -1.97 -20.68 -12.17
C PHE A 142 -2.52 -19.37 -12.71
N GLY A 143 -2.71 -18.41 -11.81
CA GLY A 143 -3.23 -17.12 -12.24
C GLY A 143 -4.39 -16.63 -11.41
N LYS A 144 -4.89 -17.48 -10.51
CA LYS A 144 -6.07 -17.17 -9.72
C LYS A 144 -5.80 -17.53 -8.27
N ILE A 145 -6.60 -16.94 -7.39
CA ILE A 145 -6.65 -17.36 -5.99
C ILE A 145 -8.10 -17.56 -5.64
N PRO A 146 -8.53 -18.79 -5.32
CA PRO A 146 -9.95 -19.05 -5.06
C PRO A 146 -10.43 -18.22 -3.88
N ASP A 147 -11.70 -17.80 -3.96
CA ASP A 147 -12.32 -17.09 -2.85
C ASP A 147 -12.20 -17.92 -1.58
N GLU A 148 -11.88 -17.26 -0.47
CA GLU A 148 -11.65 -18.00 0.76
C GLU A 148 -12.92 -18.66 1.30
N SER A 149 -14.10 -18.21 0.83
CA SER A 149 -15.34 -18.96 1.03
C SER A 149 -15.14 -20.45 0.76
N LEU A 150 -14.63 -20.79 -0.42
CA LEU A 150 -14.39 -22.17 -0.84
C LEU A 150 -13.34 -22.91 -0.01
N TRP A 151 -12.67 -22.29 0.94
CA TRP A 151 -11.69 -23.07 1.70
C TRP A 151 -11.55 -22.65 3.15
N GLU A 152 -12.11 -21.51 3.55
CA GLU A 152 -12.26 -21.09 4.94
C GLU A 152 -12.39 -22.25 5.91
N ASP A 153 -13.43 -23.10 5.70
CA ASP A 153 -13.79 -24.11 6.68
C ASP A 153 -12.86 -25.32 6.64
N LYS A 154 -12.13 -25.53 5.54
CA LYS A 154 -11.11 -26.55 5.60
C LYS A 154 -9.99 -26.09 6.52
N ILE A 155 -9.76 -24.78 6.59
CA ILE A 155 -8.81 -24.23 7.56
C ILE A 155 -9.36 -24.35 8.97
N LYS A 156 -10.54 -23.76 9.19
CA LYS A 156 -11.10 -23.56 10.53
C LYS A 156 -11.52 -24.86 11.21
N GLY A 157 -11.75 -25.93 10.44
CA GLY A 157 -12.17 -27.16 11.06
C GLY A 157 -11.15 -28.29 11.02
N LYS A 158 -9.87 -28.00 10.81
CA LYS A 158 -8.83 -29.02 10.89
C LYS A 158 -7.73 -28.56 11.83
N ALA A 159 -6.94 -29.51 12.29
CA ALA A 159 -5.78 -29.21 13.12
C ALA A 159 -4.58 -29.13 12.19
N PHE A 160 -3.88 -28.01 12.22
CA PHE A 160 -2.71 -27.82 11.40
C PHE A 160 -1.54 -27.47 12.28
N SER A 161 -0.40 -28.08 11.98
CA SER A 161 0.87 -27.59 12.52
C SER A 161 1.05 -26.12 12.16
N TYR A 162 1.02 -25.81 10.86
CA TYR A 162 1.06 -24.44 10.37
C TYR A 162 0.32 -24.40 9.04
N VAL A 163 0.06 -23.19 8.55
CA VAL A 163 -0.43 -22.99 7.20
C VAL A 163 0.59 -22.17 6.45
N TYR A 164 1.03 -22.67 5.30
CA TYR A 164 2.04 -22.03 4.49
C TYR A 164 1.38 -21.32 3.31
N LEU A 165 1.80 -20.07 3.08
CA LEU A 165 1.43 -19.34 1.88
C LEU A 165 2.64 -18.58 1.40
N CYS A 166 2.63 -18.24 0.11
CA CYS A 166 3.68 -17.47 -0.57
C CYS A 166 3.13 -16.11 -1.03
N GLU A 167 3.62 -15.02 -0.41
CA GLU A 167 3.08 -13.70 -0.70
C GLU A 167 3.07 -13.38 -2.18
N ASN A 168 4.22 -13.53 -2.83
CA ASN A 168 4.35 -13.20 -4.23
C ASN A 168 4.96 -14.38 -4.96
N GLU A 169 4.19 -14.96 -5.84
CA GLU A 169 4.68 -15.98 -6.73
C GLU A 169 5.29 -15.26 -7.92
N THR A 170 6.63 -15.32 -8.03
CA THR A 170 7.35 -14.59 -9.07
C THR A 170 7.03 -15.14 -10.45
N VAL A 171 7.27 -16.43 -10.67
CA VAL A 171 7.16 -16.98 -12.02
C VAL A 171 5.81 -16.71 -12.67
N HIS A 172 4.74 -16.59 -11.90
CA HIS A 172 3.42 -16.40 -12.51
C HIS A 172 2.80 -15.06 -12.15
N GLY A 173 3.47 -14.25 -11.35
CA GLY A 173 2.95 -12.92 -11.09
C GLY A 173 1.65 -12.97 -10.32
N VAL A 174 1.58 -13.82 -9.31
CA VAL A 174 0.39 -13.97 -8.49
C VAL A 174 0.76 -13.55 -7.09
N GLU A 175 0.04 -12.55 -6.58
CA GLU A 175 0.30 -12.02 -5.25
C GLU A 175 -1.02 -11.94 -4.48
N TRP A 176 -0.97 -12.36 -3.21
CA TRP A 176 -2.12 -12.30 -2.31
C TRP A 176 -2.52 -10.84 -2.11
N PRO A 177 -3.76 -10.46 -2.42
CA PRO A 177 -4.20 -9.08 -2.15
C PRO A 177 -4.08 -8.70 -0.70
N GLU A 178 -4.19 -9.67 0.19
CA GLU A 178 -4.33 -9.45 1.62
C GLU A 178 -3.94 -10.74 2.30
N LEU A 179 -3.48 -10.66 3.52
CA LEU A 179 -3.38 -11.87 4.31
C LEU A 179 -4.81 -12.37 4.55
N PRO A 180 -5.09 -13.65 4.29
CA PRO A 180 -6.48 -14.14 4.35
C PRO A 180 -7.09 -13.95 5.74
N LYS A 181 -8.29 -13.38 5.78
CA LYS A 181 -8.93 -13.08 7.06
C LYS A 181 -9.25 -14.35 7.84
N CYS A 182 -9.51 -15.45 7.15
CA CYS A 182 -9.77 -16.69 7.86
C CYS A 182 -8.52 -17.17 8.61
N LEU A 183 -7.33 -16.99 8.02
CA LEU A 183 -6.12 -17.42 8.70
C LEU A 183 -5.87 -16.59 9.94
N VAL A 184 -6.14 -15.29 9.86
CA VAL A 184 -5.80 -14.39 10.94
C VAL A 184 -6.74 -14.58 12.11
N ASN A 185 -8.03 -14.76 11.83
CA ASN A 185 -9.00 -14.90 12.90
C ASN A 185 -8.83 -16.21 13.66
N ASP A 186 -8.37 -17.26 12.99
CA ASP A 186 -8.18 -18.57 13.62
C ASP A 186 -7.03 -18.57 14.60
N PRO A 187 -7.29 -18.63 15.92
CA PRO A 187 -6.19 -18.58 16.89
C PRO A 187 -5.35 -19.83 16.92
N ASN A 188 -5.80 -20.92 16.30
CA ASN A 188 -5.11 -22.20 16.32
C ASN A 188 -4.30 -22.45 15.06
N ILE A 189 -4.11 -21.42 14.23
CA ILE A 189 -3.33 -21.53 13.01
C ILE A 189 -2.10 -20.64 13.18
N GLU A 190 -0.89 -21.25 13.19
CA GLU A 190 0.36 -20.51 13.02
C GLU A 190 0.57 -20.25 11.54
N ILE A 191 0.70 -18.99 11.15
CA ILE A 191 0.89 -18.64 9.74
C ILE A 191 2.38 -18.62 9.43
N VAL A 192 2.78 -19.34 8.38
CA VAL A 192 4.15 -19.32 7.83
C VAL A 192 4.10 -18.68 6.45
N ALA A 193 4.63 -17.46 6.33
CA ALA A 193 4.57 -16.68 5.11
C ALA A 193 5.94 -16.51 4.48
N ASP A 194 6.01 -16.64 3.17
CA ASP A 194 7.21 -16.42 2.40
C ASP A 194 7.02 -15.10 1.65
N LEU A 195 7.64 -14.03 2.15
CA LEU A 195 7.65 -12.77 1.39
C LEU A 195 9.04 -12.54 0.76
N SER A 196 9.37 -13.41 -0.19
CA SER A 196 10.71 -13.45 -0.75
C SER A 196 10.95 -12.34 -1.76
N SER A 197 9.94 -11.89 -2.48
CA SER A 197 10.14 -10.76 -3.38
C SER A 197 9.54 -9.47 -2.85
N ASP A 198 9.10 -9.44 -1.60
CA ASP A 198 8.32 -8.32 -1.09
C ASP A 198 8.76 -7.84 0.27
N ILE A 199 9.74 -8.49 0.90
CA ILE A 199 9.94 -8.27 2.33
C ILE A 199 10.16 -6.80 2.65
N LEU A 200 10.69 -6.03 1.71
CA LEU A 200 11.01 -4.63 1.93
C LEU A 200 10.07 -3.70 1.18
N SER A 201 9.13 -4.23 0.41
CA SER A 201 8.17 -3.42 -0.35
C SER A 201 6.72 -3.76 -0.03
N ARG A 202 6.46 -4.35 1.14
CA ARG A 202 5.09 -4.72 1.50
C ARG A 202 4.95 -4.57 2.99
N LYS A 203 4.14 -3.58 3.42
CA LYS A 203 3.95 -3.30 4.84
C LYS A 203 3.01 -4.36 5.40
N ILE A 204 3.46 -5.01 6.46
CA ILE A 204 2.78 -6.14 7.05
C ILE A 204 2.83 -5.95 8.57
N ASP A 205 2.09 -6.78 9.27
CA ASP A 205 2.06 -6.75 10.73
C ASP A 205 2.73 -8.02 11.26
N VAL A 206 3.97 -7.86 11.73
CA VAL A 206 4.79 -9.03 12.06
C VAL A 206 4.11 -9.93 13.08
N SER A 207 3.29 -9.36 13.98
CA SER A 207 2.65 -10.15 15.02
C SER A 207 1.64 -11.14 14.48
N GLN A 208 1.14 -10.94 13.27
CA GLN A 208 0.21 -11.89 12.69
C GLN A 208 0.88 -13.16 12.18
N TYR A 209 2.20 -13.24 12.21
CA TYR A 209 2.92 -14.31 11.55
C TYR A 209 3.65 -15.13 12.60
N GLY A 210 3.68 -16.43 12.41
CA GLY A 210 4.53 -17.22 13.29
C GLY A 210 5.93 -17.30 12.70
N VAL A 211 6.01 -17.29 11.38
CA VAL A 211 7.27 -17.30 10.63
C VAL A 211 7.11 -16.45 9.39
N ILE A 212 7.94 -15.41 9.26
CA ILE A 212 8.18 -14.69 8.01
C ILE A 212 9.55 -15.13 7.52
N MET A 213 9.64 -15.55 6.26
CA MET A 213 10.95 -15.92 5.71
C MET A 213 11.12 -15.29 4.34
N ALA A 214 12.33 -14.81 4.08
CA ALA A 214 12.60 -14.10 2.83
C ALA A 214 13.99 -14.47 2.32
N GLY A 215 14.06 -14.94 1.08
CA GLY A 215 15.34 -15.18 0.42
C GLY A 215 15.21 -14.79 -1.03
N ALA A 216 15.47 -15.72 -1.93
CA ALA A 216 15.15 -15.53 -3.33
C ALA A 216 14.22 -16.65 -3.78
N GLN A 217 13.71 -16.53 -4.99
CA GLN A 217 12.98 -17.63 -5.59
C GLN A 217 13.69 -18.06 -6.88
N GLY A 221 21.12 -22.83 -4.85
CA GLY A 221 21.43 -24.07 -4.16
C GLY A 221 21.52 -23.90 -2.65
N LEU A 222 22.74 -24.00 -2.12
CA LEU A 222 23.05 -23.60 -0.75
C LEU A 222 23.45 -22.14 -0.68
N ALA A 223 23.38 -21.42 -1.80
CA ALA A 223 23.94 -20.10 -1.93
C ALA A 223 22.91 -19.03 -1.60
N GLY A 224 23.40 -17.88 -1.14
CA GLY A 224 22.52 -16.79 -0.76
C GLY A 224 22.14 -16.90 0.69
N LEU A 225 21.20 -16.04 1.07
CA LEU A 225 20.83 -15.88 2.46
C LEU A 225 19.32 -15.94 2.59
N THR A 226 18.83 -16.74 3.54
CA THR A 226 17.42 -16.74 3.91
C THR A 226 17.27 -16.06 5.26
N LEU A 227 16.35 -15.11 5.32
CA LEU A 227 16.09 -14.25 6.45
C LEU A 227 14.87 -14.77 7.18
N TYR A 228 14.88 -14.72 8.51
CA TYR A 228 13.82 -15.33 9.31
C TYR A 228 13.39 -14.44 10.45
N ILE A 229 12.09 -14.22 10.57
CA ILE A 229 11.49 -13.59 11.73
C ILE A 229 10.48 -14.58 12.27
N ILE A 230 10.68 -15.02 13.53
CA ILE A 230 10.01 -16.20 14.09
C ILE A 230 9.50 -15.89 15.49
N LYS A 231 8.27 -16.28 15.77
CA LYS A 231 7.71 -16.19 17.11
C LYS A 231 8.65 -16.85 18.12
N LYS A 232 8.94 -16.13 19.21
CA LYS A 232 9.71 -16.77 20.28
C LYS A 232 8.96 -17.98 20.83
N SER A 233 7.60 -17.92 20.83
CA SER A 233 6.78 -19.06 21.23
C SER A 233 7.24 -20.32 20.50
N ILE A 234 7.30 -20.24 19.18
CA ILE A 234 7.63 -21.40 18.36
C ILE A 234 9.00 -21.94 18.72
N LEU A 235 9.94 -21.04 18.99
CA LEU A 235 11.29 -21.46 19.33
C LEU A 235 11.29 -22.25 20.62
N LYS A 236 10.65 -21.71 21.66
CA LYS A 236 10.57 -22.43 22.92
C LYS A 236 9.99 -23.83 22.72
N ASN A 237 9.04 -23.96 21.80
CA ASN A 237 8.35 -25.24 21.62
C ASN A 237 9.16 -26.22 20.77
N ILE A 238 10.01 -25.74 19.85
CA ILE A 238 10.86 -26.71 19.16
C ILE A 238 11.99 -27.13 20.08
N SER A 239 12.37 -26.30 21.04
CA SER A 239 13.28 -26.75 22.07
C SER A 239 12.58 -27.70 23.04
N GLY A 240 11.28 -27.51 23.26
CA GLY A 240 10.49 -28.29 24.19
C GLY A 240 9.94 -29.60 23.67
N ALA A 241 10.32 -30.03 22.46
CA ALA A 241 10.01 -31.36 22.01
C ALA A 241 10.91 -32.36 22.73
N SER A 242 10.59 -33.65 22.63
CA SER A 242 11.34 -34.63 23.42
C SER A 242 12.42 -35.35 22.62
N ASP A 243 12.30 -35.38 21.29
CA ASP A 243 13.13 -36.16 20.37
C ASP A 243 12.68 -37.61 20.37
N GLU A 244 12.21 -38.12 21.51
CA GLU A 244 11.65 -39.48 21.53
C GLU A 244 10.19 -39.47 21.12
N THR A 245 9.40 -38.50 21.60
CA THR A 245 8.03 -38.40 21.11
C THR A 245 8.00 -38.17 19.61
N LEU A 246 9.03 -37.52 19.07
CA LEU A 246 9.06 -37.26 17.63
C LEU A 246 9.36 -38.53 16.85
N HIS A 247 10.27 -39.38 17.35
CA HIS A 247 10.48 -40.67 16.71
C HIS A 247 9.20 -41.48 16.68
N GLU A 248 8.50 -41.55 17.82
CA GLU A 248 7.28 -42.34 17.89
C GLU A 248 6.21 -41.79 16.98
N LEU A 249 5.98 -40.46 17.03
CA LEU A 249 5.00 -39.82 16.17
C LEU A 249 5.40 -39.81 14.71
N GLY A 250 6.63 -40.22 14.39
CA GLY A 250 7.10 -40.29 13.03
C GLY A 250 7.50 -38.97 12.41
N VAL A 251 7.62 -37.91 13.21
CA VAL A 251 7.94 -36.56 12.75
C VAL A 251 9.41 -36.50 12.35
N PRO A 252 9.74 -36.14 11.11
CA PRO A 252 11.15 -36.08 10.72
C PRO A 252 11.86 -34.94 11.43
N ILE A 253 13.14 -35.18 11.73
CA ILE A 253 13.94 -34.29 12.57
C ILE A 253 14.86 -33.46 11.70
N THR A 254 14.90 -32.17 11.98
CA THR A 254 15.78 -31.27 11.24
C THR A 254 17.24 -31.41 11.67
N PRO A 255 18.18 -31.55 10.73
CA PRO A 255 19.62 -31.48 11.07
C PRO A 255 19.94 -30.25 11.92
N ILE A 256 20.80 -30.43 12.94
CA ILE A 256 20.90 -29.36 13.95
C ILE A 256 21.44 -28.08 13.33
N ALA A 257 22.18 -28.17 12.22
CA ALA A 257 22.63 -26.93 11.58
C ALA A 257 21.45 -26.04 11.20
N PHE A 258 20.27 -26.63 11.01
CA PHE A 258 19.06 -25.91 10.64
C PHE A 258 17.98 -25.96 11.73
N ASP A 259 18.29 -26.56 12.88
CA ASP A 259 17.44 -26.46 14.06
C ASP A 259 17.33 -25.03 14.51
N TYR A 260 16.16 -24.41 14.33
CA TYR A 260 16.03 -22.98 14.62
C TYR A 260 16.47 -22.59 16.03
N PRO A 261 16.15 -23.31 17.11
CA PRO A 261 16.59 -22.81 18.42
C PRO A 261 18.10 -22.83 18.62
N THR A 262 18.83 -23.68 17.90
CA THR A 262 20.28 -23.59 18.00
C THR A 262 20.82 -22.54 17.04
N VAL A 263 20.23 -22.38 15.86
CA VAL A 263 20.67 -21.32 14.94
C VAL A 263 20.57 -19.96 15.60
N VAL A 264 19.60 -19.78 16.50
CA VAL A 264 19.50 -18.53 17.25
C VAL A 264 20.36 -18.55 18.51
N LYS A 265 20.71 -19.74 19.03
CA LYS A 265 21.46 -19.83 20.29
C LYS A 265 22.74 -19.02 20.21
N ASN A 266 23.50 -19.18 19.12
CA ASN A 266 24.64 -18.30 18.89
C ASN A 266 24.57 -17.77 17.45
N ASN A 267 25.23 -18.45 16.51
CA ASN A 267 25.29 -17.96 15.13
C ASN A 267 24.29 -18.68 14.22
N THR A 272 30.04 -20.13 11.53
CA THR A 272 29.21 -18.98 11.89
C THR A 272 28.27 -18.63 10.73
N ILE A 273 28.26 -17.38 10.31
CA ILE A 273 27.43 -16.92 9.20
C ILE A 273 28.34 -16.39 8.10
N PRO A 274 28.23 -16.89 6.85
CA PRO A 274 28.97 -16.27 5.74
C PRO A 274 28.57 -14.82 5.53
N ILE A 275 29.47 -13.91 5.91
CA ILE A 275 29.18 -12.48 6.06
C ILE A 275 29.61 -11.70 4.82
N PHE A 276 30.34 -10.59 5.03
CA PHE A 276 30.82 -9.69 3.98
C PHE A 276 29.67 -9.05 3.22
N THR A 277 28.68 -9.87 2.83
CA THR A 277 27.43 -9.36 2.28
C THR A 277 26.53 -8.81 3.36
N LEU A 278 26.57 -9.39 4.57
CA LEU A 278 25.74 -8.91 5.67
C LEU A 278 25.93 -7.41 5.90
N HIS A 279 27.04 -6.83 5.44
CA HIS A 279 27.16 -5.37 5.44
C HIS A 279 26.26 -4.77 4.38
N VAL A 280 26.30 -5.33 3.17
CA VAL A 280 25.38 -4.88 2.13
C VAL A 280 23.95 -4.90 2.65
N MET A 281 23.65 -5.83 3.56
CA MET A 281 22.29 -5.94 4.10
C MET A 281 21.81 -4.64 4.72
N ASP A 282 22.44 -4.20 5.82
CA ASP A 282 22.01 -2.94 6.42
C ASP A 282 22.23 -1.77 5.48
N LEU A 283 23.11 -1.94 4.51
CA LEU A 283 23.24 -0.95 3.47
C LEU A 283 21.93 -0.78 2.71
N VAL A 284 21.34 -1.90 2.26
CA VAL A 284 20.05 -1.84 1.58
C VAL A 284 18.98 -1.32 2.54
N PHE A 285 19.03 -1.74 3.80
CA PHE A 285 18.22 -1.13 4.84
C PHE A 285 18.67 0.34 4.98
N GLN A 286 18.22 1.01 6.04
CA GLN A 286 18.72 2.36 6.33
C GLN A 286 18.43 3.35 5.22
N HIS A 287 18.91 3.07 4.00
CA HIS A 287 18.43 3.79 2.83
C HIS A 287 16.92 3.73 2.77
N ILE A 288 16.38 2.51 2.69
CA ILE A 288 14.93 2.33 2.69
C ILE A 288 14.35 2.94 3.96
N LEU A 289 15.06 2.78 5.08
CA LEU A 289 14.64 3.40 6.34
C LEU A 289 14.46 4.90 6.15
N LYS A 290 15.42 5.57 5.51
CA LYS A 290 15.42 7.00 5.31
C LYS A 290 14.70 7.45 4.03
N LYS A 291 14.29 6.53 3.17
CA LYS A 291 13.39 6.89 2.07
C LYS A 291 11.95 7.08 2.54
N GLY A 292 11.65 6.83 3.81
CA GLY A 292 10.29 6.67 4.26
C GLY A 292 9.91 5.24 4.58
N GLY A 293 10.88 4.32 4.66
CA GLY A 293 10.62 2.98 5.13
C GLY A 293 9.97 2.10 4.07
N VAL A 294 9.37 1.00 4.54
CA VAL A 294 8.75 0.05 3.64
C VAL A 294 7.50 0.64 3.04
N GLU A 295 6.85 1.56 3.74
CA GLU A 295 5.64 2.16 3.19
C GLU A 295 5.93 2.93 1.91
N ALA A 296 7.01 3.72 1.92
CA ALA A 296 7.40 4.46 0.73
C ALA A 296 7.80 3.51 -0.39
N GLN A 297 8.64 2.54 -0.07
CA GLN A 297 9.05 1.57 -1.07
C GLN A 297 7.85 0.85 -1.68
N GLN A 298 6.84 0.55 -0.85
CA GLN A 298 5.63 -0.10 -1.33
C GLN A 298 4.85 0.81 -2.29
N ALA A 299 4.62 2.06 -1.88
CA ALA A 299 3.90 3.00 -2.74
C ALA A 299 4.60 3.16 -4.10
N GLU A 300 5.93 3.25 -4.09
CA GLU A 300 6.72 3.38 -5.31
C GLU A 300 6.53 2.15 -6.21
N ASN A 301 6.82 0.94 -5.67
CA ASN A 301 6.67 -0.26 -6.48
C ASN A 301 5.24 -0.42 -6.98
N GLU A 302 4.25 0.09 -6.24
CA GLU A 302 2.86 0.01 -6.69
C GLU A 302 2.64 0.88 -7.92
N GLU A 303 3.24 2.07 -7.90
CA GLU A 303 3.16 2.99 -9.02
C GLU A 303 3.78 2.41 -10.27
N LYS A 304 4.98 1.85 -10.14
CA LYS A 304 5.64 1.21 -11.27
C LYS A 304 4.74 0.17 -11.91
N ALA A 305 4.04 -0.62 -11.08
CA ALA A 305 3.22 -1.70 -11.62
C ALA A 305 1.90 -1.19 -12.18
N LYS A 306 1.29 -0.19 -11.51
CA LYS A 306 -0.01 0.25 -12.00
C LYS A 306 0.11 0.86 -13.41
N ILE A 307 1.18 1.63 -13.67
CA ILE A 307 1.36 2.19 -15.03
C ILE A 307 1.72 1.09 -16.02
N LEU A 308 2.40 0.04 -15.57
CA LEU A 308 2.69 -1.11 -16.44
C LEU A 308 1.43 -1.87 -16.83
N TYR A 309 0.54 -2.11 -15.86
CA TYR A 309 -0.66 -2.87 -16.20
C TYR A 309 -1.58 -2.04 -17.09
N GLU A 310 -1.68 -0.73 -16.82
CA GLU A 310 -2.50 0.11 -17.68
C GLU A 310 -2.06 0.01 -19.15
N ALA A 311 -0.74 -0.09 -19.40
CA ALA A 311 -0.26 -0.22 -20.78
C ALA A 311 -0.74 -1.51 -21.40
N LEU A 312 -0.62 -2.63 -20.67
CA LEU A 312 -1.15 -3.90 -21.14
C LEU A 312 -2.67 -3.87 -21.23
N ASP A 313 -3.35 -3.47 -20.15
CA ASP A 313 -4.80 -3.60 -20.12
C ASP A 313 -5.49 -2.72 -21.14
N ALA A 314 -4.87 -1.62 -21.55
CA ALA A 314 -5.60 -0.65 -22.34
C ALA A 314 -5.39 -0.83 -23.82
N ASN A 315 -4.84 -1.97 -24.23
CA ASN A 315 -4.68 -2.17 -25.66
C ASN A 315 -6.05 -2.45 -26.32
N SER A 316 -6.03 -2.63 -27.65
CA SER A 316 -7.16 -3.20 -28.39
C SER A 316 -7.08 -4.71 -28.33
N ASP A 317 -6.50 -5.22 -27.25
CA ASP A 317 -6.20 -6.63 -27.03
C ASP A 317 -5.27 -7.14 -28.13
N PHE A 318 -4.03 -6.71 -27.95
CA PHE A 318 -2.83 -7.19 -28.59
C PHE A 318 -2.02 -8.09 -27.65
N TYR A 319 -2.17 -7.89 -26.33
CA TYR A 319 -1.51 -8.64 -25.27
C TYR A 319 -2.54 -9.34 -24.38
N ASN A 320 -2.11 -10.44 -23.76
CA ASN A 320 -2.87 -11.15 -22.74
C ASN A 320 -2.20 -10.97 -21.38
N VAL A 321 -2.99 -10.66 -20.35
CA VAL A 321 -2.50 -10.67 -18.98
C VAL A 321 -3.23 -11.77 -18.22
N PRO A 322 -2.59 -12.91 -17.96
CA PRO A 322 -3.33 -14.09 -17.49
C PRO A 322 -3.77 -14.03 -16.02
N VAL A 323 -2.94 -13.47 -15.13
CA VAL A 323 -3.31 -13.34 -13.72
C VAL A 323 -4.59 -12.52 -13.56
N ASP A 324 -5.50 -13.06 -12.77
CA ASP A 324 -6.74 -12.38 -12.44
C ASP A 324 -6.42 -10.99 -11.87
N PRO A 325 -7.24 -9.97 -12.16
CA PRO A 325 -6.95 -8.65 -11.56
C PRO A 325 -6.93 -8.70 -10.05
N LYS A 326 -7.82 -9.48 -9.45
CA LYS A 326 -7.84 -9.68 -8.01
C LYS A 326 -6.44 -9.89 -7.43
N CYS A 327 -5.58 -10.68 -8.10
CA CYS A 327 -4.35 -11.20 -7.49
C CYS A 327 -3.12 -10.93 -8.34
N ARG A 328 -3.16 -9.86 -9.13
CA ARG A 328 -2.02 -9.40 -9.92
C ARG A 328 -0.85 -8.94 -9.06
N SER A 329 0.34 -9.40 -9.41
CA SER A 329 1.55 -9.09 -8.64
C SER A 329 2.12 -7.71 -8.98
N LYS A 330 2.50 -6.95 -7.94
CA LYS A 330 3.22 -5.68 -8.08
C LYS A 330 4.66 -5.86 -8.49
N MET A 331 5.26 -7.04 -8.31
CA MET A 331 6.68 -7.21 -8.58
C MET A 331 6.98 -7.94 -9.87
N ASN A 332 6.01 -8.61 -10.46
CA ASN A 332 6.29 -9.49 -11.59
C ASN A 332 5.09 -9.43 -12.50
N VAL A 333 5.23 -8.75 -13.62
CA VAL A 333 4.12 -8.53 -14.52
C VAL A 333 4.30 -9.53 -15.63
N VAL A 334 3.41 -10.52 -15.68
CA VAL A 334 3.46 -11.62 -16.62
C VAL A 334 2.46 -11.26 -17.72
N PHE A 335 2.89 -11.37 -18.96
CA PHE A 335 1.98 -11.03 -20.05
C PHE A 335 2.44 -11.73 -21.30
N THR A 336 1.59 -11.68 -22.32
CA THR A 336 1.80 -12.51 -23.48
C THR A 336 1.15 -11.88 -24.72
N LEU A 337 1.63 -12.27 -25.90
CA LEU A 337 1.17 -11.70 -27.16
C LEU A 337 0.04 -12.53 -27.76
N LYS A 338 -1.07 -11.87 -28.10
CA LYS A 338 -2.21 -12.58 -28.68
C LYS A 338 -1.81 -13.32 -29.96
N LYS A 339 -1.11 -12.66 -30.87
CA LYS A 339 -0.49 -13.35 -32.01
C LYS A 339 0.96 -13.67 -31.63
N ASP A 340 1.19 -14.93 -31.27
CA ASP A 340 2.50 -15.34 -30.75
C ASP A 340 3.62 -15.17 -31.77
N GLY A 341 3.31 -15.02 -33.06
CA GLY A 341 4.36 -14.97 -34.07
C GLY A 341 5.39 -13.88 -33.82
N LEU A 342 4.95 -12.72 -33.35
CA LEU A 342 5.76 -11.53 -33.17
C LEU A 342 6.59 -11.52 -31.90
N ASP A 343 6.68 -12.61 -31.15
CA ASP A 343 7.34 -12.46 -29.86
C ASP A 343 8.86 -12.31 -30.03
N ASP A 344 9.41 -12.73 -31.17
CA ASP A 344 10.84 -12.53 -31.39
C ASP A 344 11.16 -11.09 -31.77
N GLN A 345 10.28 -10.44 -32.54
CA GLN A 345 10.51 -9.04 -32.85
C GLN A 345 10.32 -8.16 -31.63
N PHE A 346 9.31 -8.47 -30.82
CA PHE A 346 9.10 -7.77 -29.56
C PHE A 346 10.40 -7.54 -28.82
N LEU A 347 11.18 -8.61 -28.63
CA LEU A 347 12.38 -8.51 -27.80
C LEU A 347 13.48 -7.72 -28.49
N LYS A 348 13.60 -7.85 -29.83
CA LYS A 348 14.59 -7.06 -30.57
C LYS A 348 14.23 -5.58 -30.55
N GLU A 349 13.01 -5.23 -30.96
CA GLU A 349 12.57 -3.85 -30.88
C GLU A 349 12.69 -3.27 -29.48
N ALA A 350 12.71 -4.11 -28.44
CA ALA A 350 12.87 -3.63 -27.07
C ALA A 350 14.33 -3.35 -26.75
N ALA A 351 15.24 -4.19 -27.26
CA ALA A 351 16.66 -3.91 -27.09
C ALA A 351 17.07 -2.66 -27.86
N ALA A 352 16.40 -2.40 -28.99
CA ALA A 352 16.59 -1.16 -29.72
C ALA A 352 16.30 0.07 -28.87
N ARG A 353 15.57 -0.07 -27.76
CA ARG A 353 15.35 1.04 -26.85
C ARG A 353 16.01 0.81 -25.50
N HIS A 354 16.92 -0.17 -25.43
CA HIS A 354 17.65 -0.51 -24.21
C HIS A 354 16.73 -0.95 -23.07
N LEU A 355 15.87 -1.92 -23.40
CA LEU A 355 14.97 -2.59 -22.46
C LEU A 355 15.23 -4.08 -22.59
N THR A 356 15.80 -4.69 -21.55
CA THR A 356 16.18 -6.09 -21.56
C THR A 356 15.60 -6.79 -20.33
N GLY A 357 15.92 -8.08 -20.19
CA GLY A 357 15.49 -8.89 -19.05
C GLY A 357 14.00 -9.12 -19.02
N LEU A 358 13.44 -9.52 -20.16
CA LEU A 358 12.00 -9.47 -20.36
C LEU A 358 11.39 -10.78 -20.86
N LYS A 359 12.16 -11.86 -20.92
CA LYS A 359 11.70 -13.11 -21.52
C LYS A 359 11.31 -14.13 -20.44
N GLY A 360 10.01 -14.43 -20.38
CA GLY A 360 9.42 -15.50 -19.58
C GLY A 360 10.19 -16.04 -18.40
N HIS A 361 10.18 -17.38 -18.24
CA HIS A 361 11.06 -18.02 -17.27
C HIS A 361 11.52 -19.38 -17.78
N ARG A 362 11.60 -19.53 -19.10
CA ARG A 362 11.98 -20.76 -19.78
C ARG A 362 10.89 -21.82 -19.65
N SER A 363 9.98 -21.66 -18.70
CA SER A 363 8.84 -22.55 -18.52
C SER A 363 7.54 -21.94 -19.03
N VAL A 364 7.16 -20.76 -18.53
CA VAL A 364 5.86 -20.19 -18.86
C VAL A 364 5.81 -19.73 -20.31
N GLY A 365 6.88 -19.06 -20.79
CA GLY A 365 7.02 -18.79 -22.22
C GLY A 365 6.51 -17.45 -22.71
N GLY A 366 5.89 -16.64 -21.85
CA GLY A 366 5.52 -15.30 -22.26
C GLY A 366 6.62 -14.31 -21.97
N PHE A 367 6.28 -13.14 -21.44
CA PHE A 367 7.25 -12.12 -21.07
C PHE A 367 7.07 -11.72 -19.61
N ARG A 368 8.16 -11.41 -18.93
CA ARG A 368 8.13 -11.00 -17.54
C ARG A 368 8.63 -9.59 -17.44
N ALA A 369 8.10 -8.85 -16.49
CA ALA A 369 8.62 -7.52 -16.19
C ALA A 369 8.84 -7.49 -14.69
N SER A 370 10.05 -7.84 -14.26
CA SER A 370 10.35 -7.88 -12.84
C SER A 370 10.71 -6.48 -12.36
N ILE A 371 9.80 -5.87 -11.60
CA ILE A 371 10.01 -4.58 -10.94
C ILE A 371 10.79 -4.81 -9.66
N TYR A 372 11.86 -4.04 -9.45
CA TYR A 372 12.41 -4.09 -8.10
C TYR A 372 12.60 -2.71 -7.49
N ASN A 373 13.32 -2.69 -6.35
CA ASN A 373 13.44 -1.47 -5.56
C ASN A 373 14.19 -0.41 -6.33
N ALA A 374 15.22 -0.80 -7.09
CA ALA A 374 16.02 0.15 -7.83
C ALA A 374 15.29 0.70 -9.04
N LEU A 375 14.65 -0.16 -9.85
CA LEU A 375 13.97 0.24 -11.07
C LEU A 375 13.24 1.56 -10.90
N SER A 376 13.66 2.55 -11.69
CA SER A 376 13.07 3.87 -11.63
C SER A 376 11.73 3.86 -12.33
N VAL A 377 10.85 4.78 -11.91
CA VAL A 377 9.60 4.97 -12.65
C VAL A 377 9.90 5.42 -14.09
N LYS A 378 10.92 6.26 -14.28
CA LYS A 378 11.32 6.63 -15.63
C LYS A 378 11.61 5.40 -16.47
N ALA A 379 12.26 4.40 -15.86
CA ALA A 379 12.56 3.19 -16.61
C ALA A 379 11.28 2.44 -16.97
N VAL A 380 10.34 2.32 -16.01
CA VAL A 380 9.12 1.61 -16.36
C VAL A 380 8.28 2.45 -17.29
N GLN A 381 8.40 3.78 -17.22
CA GLN A 381 7.71 4.63 -18.19
C GLN A 381 8.20 4.35 -19.61
N ASN A 382 9.51 4.17 -19.77
CA ASN A 382 10.00 3.88 -21.10
C ASN A 382 9.42 2.57 -21.58
N LEU A 383 9.32 1.60 -20.68
CA LEU A 383 8.74 0.30 -21.02
C LEU A 383 7.25 0.42 -21.34
N VAL A 384 6.53 1.21 -20.54
CA VAL A 384 5.14 1.49 -20.84
C VAL A 384 4.98 2.04 -22.26
N ASP A 385 5.88 2.94 -22.65
CA ASP A 385 5.80 3.53 -23.98
C ASP A 385 6.04 2.50 -25.07
N PHE A 386 7.04 1.63 -24.88
CA PHE A 386 7.32 0.61 -25.89
C PHE A 386 6.19 -0.42 -25.98
N ILE A 387 5.50 -0.71 -24.88
CA ILE A 387 4.35 -1.60 -24.99
C ILE A 387 3.26 -0.94 -25.84
N LYS A 388 2.91 0.32 -25.52
CA LYS A 388 1.72 0.98 -26.12
C LYS A 388 1.77 1.22 -27.64
N GLU A 389 4.40 1.24 -27.84
CA GLU A 389 4.46 1.68 -29.22
C GLU A 389 4.19 0.49 -30.13
N PHE A 390 4.60 -0.67 -29.62
CA PHE A 390 4.61 -1.91 -30.39
C PHE A 390 3.19 -2.40 -30.70
N ALA A 391 2.24 -2.21 -29.78
CA ALA A 391 0.90 -2.71 -30.05
C ALA A 391 0.23 -1.93 -31.17
N GLU A 392 0.42 -0.60 -31.22
CA GLU A 392 -0.08 0.18 -32.34
C GLU A 392 0.71 -0.12 -33.61
N LYS A 393 2.05 -0.08 -33.52
CA LYS A 393 2.92 -0.46 -34.63
C LYS A 393 2.41 -1.73 -35.32
N ASN A 394 2.42 -2.85 -34.60
CA ASN A 394 1.97 -4.14 -35.13
C ASN A 394 0.48 -4.37 -34.96
N ALA A 395 -0.38 -3.39 -35.26
CA ALA A 395 -1.82 -3.56 -35.09
C ALA A 395 -2.34 -4.81 -35.79
N THR B 51 -20.00 11.18 28.74
CA THR B 51 -19.21 12.39 28.55
C THR B 51 -17.74 12.02 28.28
N LYS B 52 -17.04 12.84 27.48
CA LYS B 52 -15.61 12.65 27.17
C LYS B 52 -15.29 11.25 26.68
N VAL B 53 -16.15 10.70 25.81
CA VAL B 53 -15.73 9.59 24.96
C VAL B 53 -14.67 10.04 23.97
N ILE B 54 -14.49 11.36 23.85
CA ILE B 54 -13.39 11.94 23.08
C ILE B 54 -12.08 11.26 23.43
N GLU B 55 -11.78 11.20 24.74
CA GLU B 55 -10.51 10.65 25.19
C GLU B 55 -10.28 9.24 24.66
N ASP B 56 -11.36 8.48 24.50
CA ASP B 56 -11.24 7.10 24.02
C ASP B 56 -11.01 7.06 22.51
N SER B 57 -11.76 7.87 21.76
CA SER B 57 -11.58 7.94 20.31
C SER B 57 -10.17 8.38 19.96
N LYS B 58 -9.69 9.44 20.61
CA LYS B 58 -8.30 9.84 20.45
C LYS B 58 -7.36 8.66 20.66
N LYS B 59 -7.58 7.89 21.73
CA LYS B 59 -6.73 6.72 22.00
C LYS B 59 -6.79 5.74 20.84
N HIS B 60 -7.99 5.51 20.30
CA HIS B 60 -8.15 4.64 19.13
C HIS B 60 -7.33 5.16 17.96
N LEU B 61 -7.38 6.48 17.71
CA LEU B 61 -6.67 7.07 16.59
C LEU B 61 -5.17 6.91 16.75
N ILE B 62 -4.61 7.36 17.88
CA ILE B 62 -3.18 7.20 18.09
C ILE B 62 -2.78 5.75 18.01
N GLU B 63 -3.73 4.83 18.13
CA GLU B 63 -3.44 3.43 17.90
C GLU B 63 -3.40 3.12 16.41
N LEU B 64 -4.53 3.25 15.71
CA LEU B 64 -4.54 2.79 14.32
C LEU B 64 -3.55 3.57 13.46
N LEU B 65 -3.23 4.81 13.83
CA LEU B 65 -2.25 5.59 13.07
C LEU B 65 -0.87 5.61 13.69
N ASN B 66 -0.72 5.07 14.91
CA ASN B 66 0.57 5.05 15.59
C ASN B 66 1.08 6.48 15.81
N ILE B 67 0.16 7.39 16.12
CA ILE B 67 0.55 8.80 16.26
C ILE B 67 1.60 8.91 17.35
N PRO B 68 2.77 9.50 17.07
CA PRO B 68 3.82 9.58 18.08
C PRO B 68 3.47 10.59 19.16
N ASP B 69 4.29 10.56 20.21
CA ASP B 69 4.10 11.50 21.30
C ASP B 69 4.36 12.94 20.89
N THR B 70 5.10 13.13 19.79
CA THR B 70 5.43 14.46 19.28
C THR B 70 4.22 15.20 18.72
N HIS B 71 3.12 14.48 18.43
CA HIS B 71 1.93 15.07 17.83
C HIS B 71 0.73 14.89 18.75
N GLU B 72 -0.21 15.82 18.64
CA GLU B 72 -1.43 15.79 19.43
C GLU B 72 -2.64 15.76 18.51
N VAL B 73 -3.67 15.01 18.92
CA VAL B 73 -4.92 14.89 18.17
C VAL B 73 -5.94 15.88 18.73
N PHE B 74 -6.48 16.70 17.85
CA PHE B 74 -7.58 17.56 18.26
C PHE B 74 -8.61 17.57 17.13
N TYR B 75 -9.86 17.80 17.51
CA TYR B 75 -10.98 17.80 16.57
C TYR B 75 -11.52 19.22 16.47
N LEU B 76 -12.07 19.57 15.31
CA LEU B 76 -12.62 20.90 15.10
C LEU B 76 -13.94 20.82 14.37
N GLN B 77 -14.92 21.57 14.84
CA GLN B 77 -16.20 21.67 14.14
C GLN B 77 -15.99 22.45 12.85
N GLY B 78 -16.28 21.80 11.71
CA GLY B 78 -15.97 22.44 10.45
C GLY B 78 -16.02 21.55 9.24
N GLY B 79 -15.30 20.44 9.25
CA GLY B 79 -15.38 19.48 8.15
C GLY B 79 -15.18 19.99 6.73
N GLY B 80 -14.83 21.26 6.53
CA GLY B 80 -14.63 21.71 5.17
C GLY B 80 -13.74 22.93 5.03
N THR B 81 -14.37 24.02 4.59
CA THR B 81 -13.73 25.33 4.46
C THR B 81 -12.97 25.71 5.72
N THR B 82 -13.63 25.60 6.87
CA THR B 82 -13.02 25.79 8.17
C THR B 82 -11.58 25.26 8.20
N GLY B 83 -11.35 24.12 7.55
CA GLY B 83 -10.01 23.56 7.51
C GLY B 83 -8.97 24.50 6.94
N PHE B 84 -9.18 25.00 5.70
CA PHE B 84 -8.24 25.89 5.04
C PHE B 84 -7.86 27.05 5.92
N SER B 85 -8.82 27.97 6.10
CA SER B 85 -8.55 29.24 6.76
C SER B 85 -7.77 29.02 8.04
N SER B 86 -8.26 28.13 8.90
CA SER B 86 -7.64 27.97 10.20
C SER B 86 -6.22 27.43 10.08
N VAL B 87 -5.95 26.55 9.11
CA VAL B 87 -4.60 26.00 9.05
C VAL B 87 -3.63 27.04 8.48
N ALA B 88 -4.09 27.93 7.61
CA ALA B 88 -3.20 28.92 7.02
C ALA B 88 -2.80 29.95 8.05
N THR B 89 -3.77 30.50 8.79
CA THR B 89 -3.45 31.57 9.73
C THR B 89 -2.65 31.04 10.92
N ASN B 90 -3.00 29.85 11.41
CA ASN B 90 -2.28 29.29 12.56
C ASN B 90 -0.84 28.93 12.22
N LEU B 91 -0.60 28.36 11.02
CA LEU B 91 0.73 27.89 10.65
C LEU B 91 1.64 29.03 10.22
N ALA B 92 1.05 30.13 9.72
CA ALA B 92 1.80 31.37 9.55
C ALA B 92 2.33 31.86 10.89
N ALA B 93 1.43 31.95 11.89
CA ALA B 93 1.82 32.37 13.23
C ALA B 93 2.80 31.39 13.88
N ALA B 94 2.69 30.10 13.61
CA ALA B 94 3.69 29.18 14.16
C ALA B 94 5.07 29.48 13.60
N TYR B 95 5.17 29.86 12.32
CA TYR B 95 6.46 30.22 11.75
C TYR B 95 7.03 31.47 12.43
N VAL B 96 6.18 32.49 12.61
CA VAL B 96 6.63 33.72 13.23
C VAL B 96 7.10 33.47 14.66
N GLY B 97 6.56 32.44 15.31
CA GLY B 97 7.03 32.07 16.63
C GLY B 97 8.40 31.41 16.61
N LYS B 98 8.54 30.33 15.83
CA LYS B 98 9.82 29.61 15.75
C LYS B 98 10.94 30.54 15.29
N HIS B 99 10.74 31.23 14.18
CA HIS B 99 11.72 32.20 13.73
C HIS B 99 11.26 33.58 14.17
N GLY B 100 11.60 34.62 13.42
CA GLY B 100 11.14 35.93 13.83
C GLY B 100 10.38 36.63 12.73
N LYS B 101 10.38 36.05 11.55
CA LYS B 101 9.78 36.70 10.40
C LYS B 101 8.74 35.79 9.78
N ILE B 102 8.15 36.27 8.71
CA ILE B 102 7.15 35.55 7.95
C ILE B 102 7.80 35.03 6.67
N ALA B 103 7.31 33.91 6.18
CA ALA B 103 7.69 33.33 4.91
C ALA B 103 6.43 32.88 4.18
N PRO B 104 6.46 32.78 2.85
CA PRO B 104 5.24 32.44 2.12
C PRO B 104 4.89 30.98 2.30
N ALA B 105 3.62 30.67 2.11
CA ALA B 105 3.14 29.29 2.21
C ALA B 105 3.13 28.69 0.81
N GLY B 106 3.44 27.40 0.72
CA GLY B 106 3.58 26.74 -0.55
C GLY B 106 2.41 25.79 -0.81
N TYR B 107 1.76 25.98 -1.94
CA TYR B 107 0.60 25.16 -2.28
C TYR B 107 0.92 24.31 -3.49
N LEU B 108 0.68 23.00 -3.38
CA LEU B 108 0.75 22.08 -4.51
C LEU B 108 -0.68 21.81 -4.96
N VAL B 109 -1.10 22.46 -6.05
CA VAL B 109 -2.47 22.37 -6.52
C VAL B 109 -2.60 21.20 -7.49
N THR B 110 -3.14 20.08 -7.01
CA THR B 110 -3.39 18.89 -7.83
C THR B 110 -4.86 18.72 -8.19
N GLY B 111 -5.75 19.50 -7.58
CA GLY B 111 -7.14 19.43 -7.93
C GLY B 111 -7.92 20.52 -7.21
N SER B 112 -9.25 20.37 -7.26
CA SER B 112 -10.19 21.35 -6.71
C SER B 112 -9.87 21.76 -5.28
N TRP B 113 -9.70 20.76 -4.40
CA TRP B 113 -9.57 21.09 -2.98
C TRP B 113 -8.26 21.84 -2.71
N SER B 114 -7.14 21.28 -3.20
CA SER B 114 -5.86 21.99 -3.25
C SER B 114 -6.05 23.44 -3.64
N GLN B 115 -6.75 23.69 -4.75
CA GLN B 115 -6.89 25.04 -5.26
C GLN B 115 -7.65 25.94 -4.29
N LYS B 116 -8.84 25.51 -3.89
CA LYS B 116 -9.65 26.28 -2.93
C LYS B 116 -8.84 26.64 -1.70
N SER B 117 -8.05 25.68 -1.21
CA SER B 117 -7.20 25.91 -0.05
C SER B 117 -6.27 27.08 -0.31
N PHE B 118 -5.63 27.10 -1.48
CA PHE B 118 -4.70 28.16 -1.79
C PHE B 118 -5.41 29.49 -1.92
N GLU B 119 -6.53 29.51 -2.65
CA GLU B 119 -7.24 30.76 -2.88
C GLU B 119 -7.80 31.36 -1.60
N GLU B 120 -8.00 30.54 -0.56
CA GLU B 120 -8.46 31.09 0.72
C GLU B 120 -7.30 31.70 1.49
N ALA B 121 -6.12 31.05 1.48
CA ALA B 121 -4.91 31.69 2.00
C ALA B 121 -4.62 32.99 1.26
N LYS B 122 -4.89 33.03 -0.05
CA LYS B 122 -4.80 34.29 -0.78
C LYS B 122 -5.84 35.29 -0.31
N ARG B 123 -7.11 34.87 -0.16
CA ARG B 123 -8.16 35.78 0.27
C ARG B 123 -7.82 36.42 1.61
N LEU B 124 -7.35 35.62 2.56
CA LEU B 124 -7.00 36.06 3.90
C LEU B 124 -5.72 36.90 3.92
N HIS B 125 -5.04 37.03 2.78
CA HIS B 125 -3.74 37.70 2.70
C HIS B 125 -2.73 37.05 3.65
N VAL B 126 -2.79 35.72 3.71
CA VAL B 126 -1.65 34.94 4.21
C VAL B 126 -0.61 34.87 3.10
N PRO B 127 0.67 35.13 3.39
CA PRO B 127 1.71 34.96 2.36
C PRO B 127 1.72 33.56 1.80
N ALA B 128 1.37 33.38 0.53
CA ALA B 128 1.35 32.04 -0.04
C ALA B 128 1.52 32.11 -1.54
N GLU B 129 2.09 31.06 -2.12
CA GLU B 129 2.29 30.98 -3.55
C GLU B 129 1.98 29.57 -4.04
N VAL B 130 1.45 29.49 -5.26
CA VAL B 130 1.22 28.23 -5.99
C VAL B 130 2.58 27.72 -6.45
N ILE B 131 3.12 26.71 -5.79
CA ILE B 131 4.37 26.11 -6.29
C ILE B 131 4.18 25.56 -7.70
N PHE B 132 3.08 24.87 -7.95
CA PHE B 132 2.67 24.51 -9.30
C PHE B 132 1.15 24.40 -9.31
N ASN B 133 0.57 24.42 -10.49
CA ASN B 133 -0.84 24.10 -10.67
C ASN B 133 -0.91 23.03 -11.75
N ALA B 134 -1.31 21.82 -11.35
CA ALA B 134 -1.33 20.71 -12.30
C ALA B 134 -2.14 21.05 -13.55
N LYS B 135 -3.07 22.00 -13.45
CA LYS B 135 -3.85 22.39 -14.63
C LYS B 135 -2.97 22.89 -15.75
N ASP B 136 -1.88 23.59 -15.40
CA ASP B 136 -1.00 24.21 -16.38
C ASP B 136 -0.12 23.21 -17.12
N TYR B 137 -0.02 21.98 -16.63
CA TYR B 137 0.83 20.98 -17.25
C TYR B 137 0.05 19.99 -18.10
N ASN B 138 -1.27 20.13 -18.23
CA ASN B 138 -1.99 19.35 -19.24
C ASN B 138 -3.26 20.12 -19.62
N ASN B 139 -3.05 21.36 -20.06
CA ASN B 139 -4.01 22.14 -20.85
C ASN B 139 -5.23 22.58 -20.03
N GLY B 140 -5.00 23.05 -18.82
CA GLY B 140 -6.06 23.67 -18.04
C GLY B 140 -7.01 22.72 -17.36
N LYS B 141 -6.82 21.40 -17.54
CA LYS B 141 -7.62 20.36 -16.93
C LYS B 141 -6.75 19.64 -15.92
N PHE B 142 -7.33 19.24 -14.79
CA PHE B 142 -6.55 18.44 -13.87
C PHE B 142 -6.34 17.05 -14.44
N GLY B 143 -5.54 16.25 -13.76
CA GLY B 143 -5.40 14.90 -14.24
C GLY B 143 -3.99 14.40 -14.17
N LYS B 144 -3.02 15.31 -14.07
CA LYS B 144 -1.63 14.91 -13.89
C LYS B 144 -1.10 15.48 -12.58
N ILE B 145 0.05 14.95 -12.16
CA ILE B 145 0.80 15.51 -11.03
C ILE B 145 2.23 15.70 -11.50
N PRO B 146 2.63 16.94 -11.83
CA PRO B 146 3.91 17.18 -12.51
C PRO B 146 5.05 16.56 -11.74
N ASP B 147 6.01 16.02 -12.46
CA ASP B 147 7.13 15.35 -11.80
C ASP B 147 7.89 16.33 -10.93
N GLU B 148 8.39 15.84 -9.77
CA GLU B 148 9.18 16.66 -8.85
C GLU B 148 10.19 17.58 -9.54
N SER B 149 11.02 17.02 -10.43
CA SER B 149 12.11 17.78 -11.05
C SER B 149 11.63 19.11 -11.63
N LEU B 150 10.42 19.14 -12.19
CA LEU B 150 9.90 20.35 -12.80
C LEU B 150 9.55 21.45 -11.81
N TRP B 151 9.64 21.19 -10.50
CA TRP B 151 9.24 22.21 -9.53
C TRP B 151 10.00 22.06 -8.22
N GLU B 152 10.65 20.92 -8.01
CA GLU B 152 11.32 20.67 -6.75
C GLU B 152 12.32 21.76 -6.39
N ASP B 153 12.84 22.51 -7.37
CA ASP B 153 13.82 23.53 -7.02
C ASP B 153 13.17 24.86 -6.67
N LYS B 154 11.91 25.07 -7.07
CA LYS B 154 11.10 26.16 -6.53
C LYS B 154 10.90 26.03 -5.03
N ILE B 155 11.30 24.91 -4.46
CA ILE B 155 11.08 24.59 -3.05
C ILE B 155 12.40 24.51 -2.29
N LYS B 156 13.40 23.86 -2.88
CA LYS B 156 14.67 23.63 -2.21
C LYS B 156 15.41 24.93 -1.93
N GLY B 157 15.86 25.08 -0.68
CA GLY B 157 16.60 26.25 -0.26
C GLY B 157 15.75 27.41 0.18
N LYS B 158 14.51 27.53 -0.33
CA LYS B 158 13.63 28.61 0.04
C LYS B 158 12.91 28.28 1.35
N ALA B 159 12.66 29.31 2.15
CA ALA B 159 11.94 29.12 3.40
C ALA B 159 10.45 29.26 3.15
N PHE B 160 9.67 28.38 3.80
CA PHE B 160 8.22 28.36 3.69
C PHE B 160 7.59 28.24 5.07
N SER B 161 6.46 28.92 5.27
CA SER B 161 5.69 28.72 6.50
C SER B 161 5.19 27.27 6.58
N TYR B 162 4.81 26.71 5.43
CA TYR B 162 4.39 25.32 5.27
C TYR B 162 4.15 25.11 3.78
N VAL B 163 4.13 23.84 3.37
CA VAL B 163 3.65 23.44 2.05
C VAL B 163 2.39 22.61 2.22
N TYR B 164 1.34 22.97 1.48
CA TYR B 164 0.05 22.30 1.53
C TYR B 164 -0.08 21.35 0.36
N LEU B 165 -0.67 20.18 0.61
CA LEU B 165 -1.11 19.35 -0.49
C LEU B 165 -2.40 18.65 -0.07
N CYS B 166 -3.08 18.12 -1.08
CA CYS B 166 -4.30 17.34 -0.91
C CYS B 166 -4.05 15.93 -1.40
N GLU B 167 -3.90 14.98 -0.47
CA GLU B 167 -3.49 13.63 -0.85
C GLU B 167 -4.41 12.99 -1.89
N ASN B 168 -5.72 13.08 -1.70
CA ASN B 168 -6.68 12.52 -2.64
C ASN B 168 -7.67 13.60 -3.07
N GLU B 169 -7.69 13.92 -4.37
CA GLU B 169 -8.55 14.96 -4.89
C GLU B 169 -9.82 14.33 -5.45
N THR B 170 -10.88 14.36 -4.61
CA THR B 170 -12.06 13.52 -4.80
C THR B 170 -12.78 13.83 -6.10
N VAL B 171 -12.90 15.11 -6.45
CA VAL B 171 -13.70 15.47 -7.62
C VAL B 171 -13.00 15.06 -8.91
N HIS B 172 -11.67 14.99 -8.93
CA HIS B 172 -11.00 14.70 -10.20
C HIS B 172 -10.25 13.39 -10.19
N GLY B 173 -10.22 12.70 -9.05
CA GLY B 173 -9.61 11.39 -9.04
C GLY B 173 -8.12 11.44 -9.18
N VAL B 174 -7.49 12.47 -8.63
CA VAL B 174 -6.05 12.59 -8.62
C VAL B 174 -5.59 12.30 -7.21
N GLU B 175 -4.85 11.21 -7.05
CA GLU B 175 -4.27 10.87 -5.77
C GLU B 175 -2.77 10.88 -5.92
N TRP B 176 -2.11 11.50 -4.94
CA TRP B 176 -0.66 11.54 -4.90
C TRP B 176 -0.16 10.11 -4.75
N PRO B 177 0.75 9.65 -5.61
CA PRO B 177 1.34 8.33 -5.40
C PRO B 177 2.15 8.25 -4.14
N GLU B 178 2.80 9.34 -3.75
CA GLU B 178 3.77 9.33 -2.66
C GLU B 178 3.88 10.74 -2.09
N LEU B 179 4.34 10.84 -0.85
CA LEU B 179 4.77 12.14 -0.33
C LEU B 179 5.97 12.61 -1.13
N PRO B 180 5.93 13.79 -1.77
CA PRO B 180 7.06 14.24 -2.60
C PRO B 180 8.36 14.22 -1.81
N LYS B 181 9.39 13.60 -2.38
CA LYS B 181 10.59 13.39 -1.60
C LYS B 181 11.35 14.68 -1.33
N CYS B 182 11.13 15.71 -2.16
CA CYS B 182 11.80 16.99 -1.95
C CYS B 182 11.32 17.68 -0.68
N LEU B 183 10.06 17.49 -0.29
CA LEU B 183 9.55 18.01 0.97
C LEU B 183 10.00 17.16 2.15
N VAL B 184 10.11 15.85 1.97
CA VAL B 184 10.46 14.96 3.07
C VAL B 184 11.87 15.24 3.57
N ASN B 185 12.79 15.51 2.65
CA ASN B 185 14.19 15.67 3.02
C ASN B 185 14.51 17.04 3.61
N ASP B 186 13.66 18.04 3.40
CA ASP B 186 13.90 19.37 3.96
C ASP B 186 13.34 19.47 5.37
N PRO B 187 14.17 19.73 6.38
CA PRO B 187 13.71 19.67 7.78
C PRO B 187 13.07 20.95 8.28
N ASN B 188 13.22 22.05 7.55
CA ASN B 188 12.59 23.32 7.88
C ASN B 188 11.40 23.62 6.99
N ILE B 189 10.79 22.59 6.41
CA ILE B 189 9.51 22.72 5.72
C ILE B 189 8.51 21.84 6.44
N GLU B 190 7.56 22.47 7.12
CA GLU B 190 6.45 21.75 7.72
C GLU B 190 5.43 21.41 6.66
N ILE B 191 4.95 20.15 6.67
CA ILE B 191 3.99 19.69 5.69
C ILE B 191 2.60 19.76 6.27
N VAL B 192 1.68 20.38 5.54
CA VAL B 192 0.24 20.34 5.82
C VAL B 192 -0.42 19.46 4.77
N ALA B 193 -0.95 18.32 5.20
CA ALA B 193 -1.60 17.36 4.31
C ALA B 193 -3.09 17.28 4.61
N ASP B 194 -3.90 17.19 3.56
CA ASP B 194 -5.32 16.93 3.71
C ASP B 194 -5.51 15.49 3.25
N LEU B 195 -5.53 14.58 4.21
CA LEU B 195 -5.88 13.18 3.97
C LEU B 195 -7.37 12.95 4.19
N SER B 196 -8.18 13.82 3.60
CA SER B 196 -9.62 13.77 3.88
C SER B 196 -10.23 12.45 3.44
N SER B 197 -9.79 11.91 2.31
CA SER B 197 -10.43 10.70 1.81
C SER B 197 -9.80 9.43 2.33
N ASP B 198 -8.53 9.48 2.70
CA ASP B 198 -7.69 8.31 2.89
C ASP B 198 -7.25 8.14 4.33
N ILE B 199 -7.81 8.93 5.25
CA ILE B 199 -7.25 9.00 6.59
C ILE B 199 -7.16 7.61 7.22
N LEU B 200 -8.22 6.80 7.06
CA LEU B 200 -8.26 5.44 7.60
C LEU B 200 -8.05 4.37 6.53
N SER B 201 -7.29 4.67 5.47
CA SER B 201 -7.09 3.71 4.39
C SER B 201 -5.78 3.92 3.64
N ARG B 202 -4.78 4.52 4.28
CA ARG B 202 -3.49 4.72 3.63
C ARG B 202 -2.45 4.87 4.75
N LYS B 203 -1.72 3.80 5.02
CA LYS B 203 -0.70 3.86 6.07
C LYS B 203 0.30 4.96 5.73
N ILE B 204 0.39 5.95 6.61
CA ILE B 204 1.31 7.05 6.48
C ILE B 204 2.14 7.10 7.74
N ASP B 205 3.26 7.82 7.65
CA ASP B 205 4.18 8.01 8.77
C ASP B 205 3.95 9.41 9.35
N VAL B 206 3.28 9.46 10.52
CA VAL B 206 2.83 10.72 11.09
C VAL B 206 3.99 11.65 11.45
N SER B 207 5.20 11.11 11.58
CA SER B 207 6.38 11.92 11.93
C SER B 207 6.78 12.90 10.83
N GLN B 208 6.46 12.61 9.58
CA GLN B 208 6.84 13.46 8.46
C GLN B 208 5.92 14.66 8.28
N TYR B 209 4.78 14.71 8.96
CA TYR B 209 3.75 15.72 8.72
C TYR B 209 3.74 16.78 9.82
N GLY B 210 3.61 18.04 9.42
CA GLY B 210 3.43 19.10 10.40
C GLY B 210 2.04 19.09 10.99
N VAL B 211 1.03 19.15 10.13
CA VAL B 211 -0.36 18.94 10.54
C VAL B 211 -1.02 18.08 9.47
N ILE B 212 -1.86 17.14 9.92
CA ILE B 212 -2.70 16.32 9.05
C ILE B 212 -4.15 16.76 9.23
N MET B 213 -4.82 17.05 8.13
CA MET B 213 -6.23 17.40 8.14
C MET B 213 -7.03 16.29 7.49
N ALA B 214 -8.15 15.94 8.11
CA ALA B 214 -9.14 15.07 7.46
C ALA B 214 -10.49 15.48 8.02
N GLY B 215 -11.34 15.96 7.15
CA GLY B 215 -12.74 16.13 7.45
C GLY B 215 -13.39 15.55 6.22
N ALA B 216 -14.32 16.28 5.62
CA ALA B 216 -14.77 15.99 4.28
C ALA B 216 -13.93 16.79 3.26
N GLN B 217 -14.27 16.64 2.00
CA GLN B 217 -13.81 17.56 0.99
C GLN B 217 -15.00 18.21 0.32
N LYS B 218 -15.96 18.63 1.13
CA LYS B 218 -17.18 19.27 0.67
C LYS B 218 -17.28 20.67 1.27
N ASN B 219 -17.75 21.61 0.46
CA ASN B 219 -18.01 22.95 0.97
C ASN B 219 -19.28 22.91 1.82
N ILE B 220 -19.29 22.05 2.85
CA ILE B 220 -20.40 22.02 3.80
C ILE B 220 -20.23 23.25 4.69
N GLY B 221 -21.12 23.43 5.66
CA GLY B 221 -21.08 24.64 6.45
C GLY B 221 -20.02 24.60 7.51
N LEU B 222 -20.41 24.88 8.75
CA LEU B 222 -19.62 24.50 9.91
C LEU B 222 -19.92 23.07 10.34
N ALA B 223 -20.86 22.42 9.64
CA ALA B 223 -21.27 21.07 9.95
C ALA B 223 -20.11 20.08 9.76
N GLY B 224 -20.24 18.93 10.41
CA GLY B 224 -19.21 17.94 10.35
C GLY B 224 -18.06 18.28 11.27
N LEU B 225 -17.03 17.47 11.16
CA LEU B 225 -15.85 17.59 12.00
C LEU B 225 -14.63 17.42 11.12
N THR B 226 -13.57 18.14 11.44
CA THR B 226 -12.26 17.93 10.84
C THR B 226 -11.32 17.38 11.88
N LEU B 227 -10.67 16.27 11.58
CA LEU B 227 -9.60 15.80 12.44
C LEU B 227 -8.37 16.64 12.24
N TYR B 228 -7.57 16.74 13.28
CA TYR B 228 -6.25 17.34 13.17
C TYR B 228 -5.26 16.49 13.95
N ILE B 229 -4.09 16.28 13.38
CA ILE B 229 -2.95 15.69 14.07
C ILE B 229 -1.81 16.65 13.85
N ILE B 230 -1.46 17.43 14.87
CA ILE B 230 -0.49 18.51 14.70
C ILE B 230 0.71 18.28 15.61
N LYS B 231 1.87 18.76 15.15
CA LYS B 231 3.09 18.70 15.94
C LYS B 231 2.98 19.61 17.16
N LYS B 232 3.51 19.13 18.28
CA LYS B 232 3.50 19.97 19.48
C LYS B 232 4.50 21.12 19.32
N SER B 233 5.56 20.93 18.52
CA SER B 233 6.41 22.04 18.13
C SER B 233 5.58 23.20 17.63
N ILE B 234 4.67 22.91 16.69
CA ILE B 234 3.90 23.94 16.03
C ILE B 234 3.01 24.68 17.01
N LEU B 235 2.33 23.94 17.90
CA LEU B 235 1.41 24.60 18.82
C LEU B 235 2.15 25.53 19.76
N LYS B 236 3.22 25.02 20.39
CA LYS B 236 4.06 25.86 21.24
C LYS B 236 4.43 27.14 20.50
N ASN B 237 4.83 27.02 19.24
CA ASN B 237 5.23 28.19 18.47
C ASN B 237 4.06 29.06 18.03
N ILE B 238 2.84 28.51 17.90
CA ILE B 238 1.69 29.38 17.67
C ILE B 238 1.49 30.28 18.88
N SER B 239 1.77 29.75 20.07
CA SER B 239 1.66 30.56 21.27
C SER B 239 2.78 31.60 21.33
N GLY B 240 4.02 31.18 21.07
CA GLY B 240 5.17 32.05 21.25
C GLY B 240 5.31 33.17 20.25
N ALA B 241 4.21 33.85 19.95
CA ALA B 241 4.18 34.89 18.94
C ALA B 241 2.94 35.75 19.12
N SER B 242 3.10 37.06 19.18
CA SER B 242 1.96 37.98 19.22
C SER B 242 2.47 39.39 19.03
N ASP B 243 1.58 40.35 19.27
CA ASP B 243 1.90 41.77 19.21
C ASP B 243 2.51 42.13 17.87
N GLU B 244 3.29 43.20 17.86
CA GLU B 244 4.05 43.70 16.71
C GLU B 244 4.52 42.60 15.79
N THR B 245 5.06 41.52 16.35
CA THR B 245 5.58 40.41 15.56
C THR B 245 4.56 39.98 14.50
N LEU B 246 3.41 39.49 14.95
CA LEU B 246 2.35 39.12 14.02
C LEU B 246 1.68 40.32 13.40
N HIS B 247 1.83 41.48 14.03
CA HIS B 247 0.94 42.62 13.85
C HIS B 247 1.55 43.63 12.92
N GLU B 248 2.86 43.93 13.05
CA GLU B 248 3.60 44.72 12.08
C GLU B 248 3.97 43.93 10.83
N LEU B 249 4.04 42.60 10.94
CA LEU B 249 4.35 41.77 9.79
C LEU B 249 3.16 41.57 8.87
N GLY B 250 1.95 41.94 9.30
CA GLY B 250 0.78 41.78 8.47
C GLY B 250 0.20 40.39 8.44
N VAL B 251 0.72 39.46 9.24
CA VAL B 251 0.21 38.09 9.33
C VAL B 251 -1.19 38.08 9.90
N PRO B 252 -2.19 37.58 9.18
CA PRO B 252 -3.57 37.60 9.70
C PRO B 252 -3.75 36.74 10.94
N ILE B 253 -4.48 37.27 11.91
CA ILE B 253 -4.66 36.62 13.19
C ILE B 253 -5.86 35.68 13.10
N THR B 254 -5.66 34.47 13.56
CA THR B 254 -6.75 33.51 13.52
C THR B 254 -7.74 33.84 14.63
N PRO B 255 -9.05 33.88 14.34
CA PRO B 255 -10.05 34.01 15.42
C PRO B 255 -9.76 33.01 16.53
N ILE B 256 -9.99 33.43 17.79
CA ILE B 256 -9.61 32.55 18.90
C ILE B 256 -10.43 31.27 18.89
N ALA B 257 -11.66 31.34 18.38
CA ALA B 257 -12.44 30.11 18.20
C ALA B 257 -11.65 29.03 17.45
N PHE B 258 -10.67 29.43 16.64
CA PHE B 258 -9.86 28.50 15.84
C PHE B 258 -8.36 28.64 16.08
N ASP B 259 -7.96 29.30 17.15
CA ASP B 259 -6.55 29.32 17.54
C ASP B 259 -6.12 27.97 18.10
N TYR B 260 -5.51 27.13 17.26
CA TYR B 260 -5.17 25.74 17.60
C TYR B 260 -4.71 25.50 19.05
N PRO B 261 -3.79 26.28 19.63
CA PRO B 261 -3.43 26.03 21.03
C PRO B 261 -4.60 26.21 21.98
N THR B 262 -5.47 27.19 21.71
CA THR B 262 -6.64 27.36 22.57
C THR B 262 -7.68 26.27 22.33
N VAL B 263 -7.67 25.61 21.17
CA VAL B 263 -8.62 24.54 20.92
C VAL B 263 -8.27 23.31 21.74
N VAL B 264 -6.98 22.96 21.83
CA VAL B 264 -6.61 21.80 22.64
C VAL B 264 -6.86 22.06 24.13
N LYS B 265 -6.70 23.32 24.57
CA LYS B 265 -6.91 23.66 25.98
C LYS B 265 -8.38 23.69 26.36
N ASN B 266 -9.29 23.82 25.39
CA ASN B 266 -10.71 23.76 25.64
C ASN B 266 -11.29 22.38 25.31
N ASN B 267 -10.44 21.35 25.26
CA ASN B 267 -10.84 20.00 24.87
C ASN B 267 -11.47 20.02 23.47
N THR B 277 -22.39 12.89 20.42
CA THR B 277 -22.52 12.72 18.97
C THR B 277 -21.20 12.37 18.31
N LEU B 278 -20.15 12.19 19.12
CA LEU B 278 -18.84 11.88 18.58
C LEU B 278 -18.40 10.47 18.92
N HIS B 279 -19.17 9.76 19.75
CA HIS B 279 -19.03 8.32 19.81
C HIS B 279 -19.13 7.73 18.43
N VAL B 280 -19.89 8.39 17.55
CA VAL B 280 -20.17 7.98 16.19
C VAL B 280 -18.89 7.51 15.49
N MET B 281 -17.80 8.28 15.61
CA MET B 281 -16.56 7.91 14.93
C MET B 281 -15.75 6.92 15.75
N ASP B 282 -15.78 7.06 17.08
CA ASP B 282 -15.12 6.09 17.96
C ASP B 282 -15.60 4.68 17.66
N LEU B 283 -16.87 4.55 17.25
CA LEU B 283 -17.35 3.26 16.76
C LEU B 283 -16.60 2.85 15.51
N VAL B 284 -16.58 3.73 14.50
CA VAL B 284 -15.87 3.43 13.25
C VAL B 284 -14.41 3.12 13.53
N PHE B 285 -13.79 3.90 14.41
CA PHE B 285 -12.40 3.64 14.79
C PHE B 285 -12.24 2.21 15.29
N GLN B 286 -13.27 1.68 15.96
CA GLN B 286 -13.17 0.35 16.58
C GLN B 286 -13.31 -0.77 15.56
N HIS B 287 -14.19 -0.59 14.55
CA HIS B 287 -14.36 -1.60 13.51
C HIS B 287 -13.11 -1.73 12.63
N ILE B 288 -12.50 -0.59 12.26
CA ILE B 288 -11.25 -0.62 11.50
C ILE B 288 -10.14 -1.22 12.34
N LEU B 289 -10.14 -0.90 13.63
CA LEU B 289 -9.33 -1.69 14.54
C LEU B 289 -9.84 -3.12 14.54
N LYS B 290 -8.94 -4.04 14.87
CA LYS B 290 -9.20 -5.48 14.84
C LYS B 290 -9.21 -6.00 13.40
N LYS B 291 -10.02 -5.39 12.52
CA LYS B 291 -10.13 -5.83 11.14
C LYS B 291 -8.87 -5.51 10.32
N GLY B 292 -7.70 -5.45 10.98
CA GLY B 292 -6.43 -5.21 10.33
C GLY B 292 -5.95 -3.77 10.40
N GLY B 293 -6.81 -2.84 10.81
CA GLY B 293 -6.40 -1.46 10.88
C GLY B 293 -6.33 -0.80 9.51
N VAL B 294 -5.48 0.23 9.42
CA VAL B 294 -5.34 1.01 8.20
C VAL B 294 -4.72 0.17 7.09
N GLU B 295 -3.67 -0.59 7.40
CA GLU B 295 -2.98 -1.36 6.37
C GLU B 295 -3.91 -2.36 5.71
N ALA B 296 -4.79 -2.98 6.48
CA ALA B 296 -5.77 -3.88 5.88
C ALA B 296 -6.66 -3.13 4.91
N GLN B 297 -7.27 -2.05 5.39
CA GLN B 297 -8.23 -1.28 4.61
C GLN B 297 -7.61 -0.72 3.34
N GLN B 298 -6.36 -0.25 3.44
CA GLN B 298 -5.62 0.13 2.25
C GLN B 298 -5.54 -1.02 1.25
N ALA B 299 -5.01 -2.18 1.68
CA ALA B 299 -4.85 -3.31 0.77
C ALA B 299 -6.16 -3.73 0.11
N GLU B 300 -7.29 -3.52 0.79
CA GLU B 300 -8.58 -3.88 0.19
C GLU B 300 -9.08 -2.81 -0.75
N ASN B 301 -9.01 -1.55 -0.32
CA ASN B 301 -9.34 -0.45 -1.24
C ASN B 301 -8.46 -0.51 -2.48
N GLU B 302 -7.15 -0.75 -2.30
CA GLU B 302 -6.26 -0.89 -3.46
C GLU B 302 -6.78 -1.96 -4.40
N GLU B 303 -7.03 -3.15 -3.87
CA GLU B 303 -7.57 -4.26 -4.66
C GLU B 303 -8.88 -3.88 -5.34
N LYS B 304 -9.81 -3.27 -4.60
CA LYS B 304 -11.06 -2.79 -5.17
C LYS B 304 -10.83 -1.93 -6.41
N ALA B 305 -9.86 -1.03 -6.35
CA ALA B 305 -9.63 -0.10 -7.45
C ALA B 305 -8.96 -0.80 -8.63
N LYS B 306 -7.91 -1.59 -8.36
CA LYS B 306 -7.25 -2.38 -9.39
C LYS B 306 -8.30 -3.06 -10.30
N ILE B 307 -9.26 -3.76 -9.70
CA ILE B 307 -10.30 -4.43 -10.48
C ILE B 307 -11.10 -3.44 -11.31
N LEU B 308 -11.54 -2.34 -10.70
CA LEU B 308 -12.31 -1.32 -11.40
C LEU B 308 -11.56 -0.76 -12.59
N TYR B 309 -10.32 -0.27 -12.36
CA TYR B 309 -9.53 0.34 -13.41
C TYR B 309 -9.27 -0.63 -14.56
N GLU B 310 -8.93 -1.89 -14.24
CA GLU B 310 -8.73 -2.90 -15.28
C GLU B 310 -9.95 -3.01 -16.19
N ALA B 311 -11.15 -2.95 -15.62
CA ALA B 311 -12.35 -3.05 -16.43
C ALA B 311 -12.42 -1.90 -17.43
N LEU B 312 -12.10 -0.67 -16.97
CA LEU B 312 -12.15 0.50 -17.83
C LEU B 312 -11.01 0.48 -18.84
N ASP B 313 -9.78 0.25 -18.38
CA ASP B 313 -8.66 0.09 -19.28
C ASP B 313 -8.93 -0.98 -20.34
N ALA B 314 -9.54 -2.11 -19.93
CA ALA B 314 -9.79 -3.20 -20.87
C ALA B 314 -10.64 -2.72 -22.04
N ASN B 315 -11.78 -2.10 -21.75
CA ASN B 315 -12.64 -1.52 -22.79
C ASN B 315 -12.29 -0.05 -23.00
N SER B 316 -11.02 0.15 -23.37
CA SER B 316 -10.55 1.48 -23.71
C SER B 316 -11.18 1.97 -25.00
N ASP B 317 -11.72 1.06 -25.80
CA ASP B 317 -12.54 1.46 -26.93
C ASP B 317 -13.74 2.29 -26.48
N PHE B 318 -14.30 1.98 -25.32
CA PHE B 318 -15.61 2.48 -24.94
C PHE B 318 -15.58 3.60 -23.92
N TYR B 319 -14.61 3.59 -23.01
CA TYR B 319 -14.54 4.50 -21.89
C TYR B 319 -13.24 5.29 -21.98
N ASN B 320 -13.22 6.43 -21.30
CA ASN B 320 -12.01 7.25 -21.16
C ASN B 320 -11.69 7.40 -19.68
N VAL B 321 -10.48 7.05 -19.29
CA VAL B 321 -10.03 7.35 -17.93
C VAL B 321 -9.14 8.59 -18.04
N PRO B 322 -9.65 9.78 -17.73
CA PRO B 322 -8.92 11.01 -18.04
C PRO B 322 -7.72 11.30 -17.12
N VAL B 323 -7.52 10.57 -16.02
CA VAL B 323 -6.41 10.80 -15.10
C VAL B 323 -5.24 9.91 -15.43
N ASP B 324 -4.05 10.50 -15.49
CA ASP B 324 -2.84 9.75 -15.83
C ASP B 324 -2.61 8.64 -14.81
N PRO B 325 -2.35 7.39 -15.25
CA PRO B 325 -2.15 6.26 -14.34
C PRO B 325 -1.29 6.54 -13.12
N LYS B 326 -0.24 7.36 -13.29
CA LYS B 326 0.67 7.63 -12.17
C LYS B 326 -0.07 8.13 -10.94
N CYS B 327 -1.12 8.95 -11.15
CA CYS B 327 -1.76 9.64 -10.03
C CYS B 327 -3.23 9.25 -9.91
N ARG B 328 -3.57 8.07 -10.42
CA ARG B 328 -4.96 7.60 -10.36
C ARG B 328 -5.39 7.37 -8.91
N SER B 329 -6.53 7.92 -8.57
CA SER B 329 -7.06 7.80 -7.22
C SER B 329 -7.64 6.40 -7.02
N LYS B 330 -7.35 5.82 -5.86
CA LYS B 330 -7.95 4.55 -5.49
C LYS B 330 -9.30 4.70 -4.83
N MET B 331 -9.59 5.85 -4.23
CA MET B 331 -10.88 6.09 -3.62
C MET B 331 -11.92 6.65 -4.57
N ASN B 332 -11.51 7.35 -5.64
CA ASN B 332 -12.44 8.05 -6.52
C ASN B 332 -12.04 7.77 -7.96
N VAL B 333 -12.82 6.94 -8.63
CA VAL B 333 -12.54 6.54 -10.00
C VAL B 333 -13.42 7.39 -10.91
N VAL B 334 -12.79 8.05 -11.89
CA VAL B 334 -13.46 9.04 -12.74
C VAL B 334 -13.33 8.58 -14.17
N PHE B 335 -14.44 8.53 -14.89
CA PHE B 335 -14.39 8.06 -16.27
C PHE B 335 -15.57 8.62 -17.05
N THR B 336 -15.47 8.50 -18.36
CA THR B 336 -16.49 9.01 -19.25
C THR B 336 -16.68 8.03 -20.40
N LEU B 337 -17.87 8.08 -21.00
CA LEU B 337 -18.19 7.30 -22.18
C LEU B 337 -17.74 8.08 -23.41
N LYS B 338 -17.08 7.41 -24.35
CA LYS B 338 -16.72 8.10 -25.59
C LYS B 338 -17.95 8.52 -26.37
N LYS B 339 -19.04 7.76 -26.29
CA LYS B 339 -20.31 8.12 -26.91
C LYS B 339 -21.20 8.73 -25.83
N ASP B 340 -21.09 10.07 -25.64
CA ASP B 340 -21.83 10.81 -24.60
C ASP B 340 -23.34 10.85 -24.84
N GLY B 341 -23.88 10.14 -25.83
CA GLY B 341 -25.30 10.01 -25.96
C GLY B 341 -25.92 8.86 -25.20
N LEU B 342 -25.11 8.08 -24.47
CA LEU B 342 -25.59 6.90 -23.76
C LEU B 342 -25.40 7.03 -22.25
N ASP B 343 -25.23 8.25 -21.75
CA ASP B 343 -24.97 8.42 -20.31
C ASP B 343 -26.16 7.97 -19.47
N ASP B 344 -27.36 8.40 -19.85
CA ASP B 344 -28.55 8.09 -19.06
C ASP B 344 -28.92 6.61 -19.19
N GLN B 345 -28.72 6.04 -20.38
CA GLN B 345 -28.83 4.60 -20.55
C GLN B 345 -27.91 3.87 -19.58
N PHE B 346 -26.66 4.35 -19.47
CA PHE B 346 -25.72 3.84 -18.50
C PHE B 346 -26.24 4.02 -17.07
N LEU B 347 -26.72 5.23 -16.76
CA LEU B 347 -27.17 5.54 -15.41
C LEU B 347 -28.34 4.66 -15.00
N LYS B 348 -29.32 4.47 -15.89
CA LYS B 348 -30.52 3.71 -15.56
C LYS B 348 -30.27 2.20 -15.49
N GLU B 349 -29.56 1.65 -16.48
CA GLU B 349 -29.19 0.24 -16.38
C GLU B 349 -28.50 -0.05 -15.05
N ALA B 350 -27.64 0.88 -14.61
CA ALA B 350 -26.96 0.73 -13.32
C ALA B 350 -27.93 0.86 -12.17
N ALA B 351 -28.88 1.81 -12.27
CA ALA B 351 -29.94 1.92 -11.29
C ALA B 351 -30.67 0.59 -11.13
N ALA B 352 -31.05 -0.01 -12.26
CA ALA B 352 -31.70 -1.31 -12.25
C ALA B 352 -30.92 -2.36 -11.46
N ARG B 353 -29.59 -2.27 -11.46
CA ARG B 353 -28.75 -3.28 -10.84
C ARG B 353 -28.41 -2.98 -9.39
N HIS B 354 -29.10 -2.02 -8.77
CA HIS B 354 -28.83 -1.55 -7.42
C HIS B 354 -27.38 -1.08 -7.25
N LEU B 355 -26.72 -0.67 -8.35
CA LEU B 355 -25.40 -0.06 -8.34
C LEU B 355 -25.63 1.44 -8.51
N THR B 356 -25.68 2.16 -7.41
CA THR B 356 -26.03 3.58 -7.46
C THR B 356 -24.87 4.45 -6.98
N GLY B 357 -25.02 5.75 -7.21
CA GLY B 357 -24.03 6.74 -6.84
C GLY B 357 -22.88 6.82 -7.82
N LEU B 358 -23.20 7.15 -9.08
CA LEU B 358 -22.18 7.15 -10.12
C LEU B 358 -22.17 8.39 -11.00
N LYS B 359 -23.19 9.25 -10.95
CA LYS B 359 -23.18 10.47 -11.77
C LYS B 359 -22.10 11.41 -11.24
N GLY B 360 -21.22 11.87 -12.12
CA GLY B 360 -20.21 12.82 -11.72
C GLY B 360 -20.85 14.08 -11.16
N HIS B 361 -20.15 14.71 -10.22
CA HIS B 361 -20.57 15.99 -9.67
C HIS B 361 -21.08 16.88 -10.81
N ARG B 362 -22.13 17.63 -10.51
CA ARG B 362 -22.90 18.30 -11.56
C ARG B 362 -22.13 19.41 -12.26
N SER B 363 -20.80 19.46 -12.05
CA SER B 363 -19.90 20.40 -12.73
C SER B 363 -19.12 19.74 -13.86
N VAL B 364 -18.11 18.92 -13.50
CA VAL B 364 -17.29 18.23 -14.49
C VAL B 364 -18.07 17.13 -15.21
N GLY B 365 -19.15 16.62 -14.60
CA GLY B 365 -20.01 15.69 -15.31
C GLY B 365 -19.43 14.28 -15.37
N GLY B 366 -19.75 13.58 -16.46
CA GLY B 366 -19.26 12.22 -16.63
C GLY B 366 -19.70 11.34 -15.48
N PHE B 367 -18.82 10.42 -15.06
CA PHE B 367 -19.12 9.47 -14.00
C PHE B 367 -17.95 9.34 -13.03
N ARG B 368 -18.29 8.98 -11.79
CA ARG B 368 -17.33 8.86 -10.69
C ARG B 368 -17.83 7.76 -9.77
N ALA B 369 -17.04 6.68 -9.63
CA ALA B 369 -17.36 5.59 -8.72
C ALA B 369 -16.47 5.72 -7.49
N SER B 370 -17.09 5.92 -6.33
CA SER B 370 -16.37 6.14 -5.09
C SER B 370 -16.21 4.83 -4.33
N ILE B 371 -15.01 4.58 -3.82
CA ILE B 371 -14.68 3.39 -3.06
C ILE B 371 -14.45 3.80 -1.61
N TYR B 372 -15.03 3.04 -0.69
CA TYR B 372 -14.90 3.34 0.72
C TYR B 372 -14.52 2.08 1.47
N ASN B 373 -14.21 2.25 2.75
CA ASN B 373 -13.84 1.11 3.58
C ASN B 373 -15.00 0.14 3.71
N ALA B 374 -16.24 0.66 3.71
CA ALA B 374 -17.42 -0.15 3.91
C ALA B 374 -17.80 -0.96 2.66
N LEU B 375 -17.26 -0.64 1.50
CA LEU B 375 -17.61 -1.33 0.26
C LEU B 375 -16.96 -2.70 0.17
N SER B 376 -17.67 -3.65 -0.42
CA SER B 376 -17.14 -5.01 -0.56
C SER B 376 -16.42 -5.16 -1.89
N VAL B 377 -15.46 -6.08 -1.92
CA VAL B 377 -14.81 -6.43 -3.18
C VAL B 377 -15.82 -7.03 -4.16
N LYS B 378 -16.83 -7.76 -3.66
CA LYS B 378 -17.84 -8.32 -4.56
C LYS B 378 -18.79 -7.25 -5.08
N ALA B 379 -18.99 -6.18 -4.31
CA ALA B 379 -19.86 -5.10 -4.82
C ALA B 379 -19.16 -4.31 -5.91
N VAL B 380 -17.84 -4.15 -5.78
CA VAL B 380 -17.04 -3.56 -6.84
C VAL B 380 -17.09 -4.44 -8.08
N GLN B 381 -16.93 -5.76 -7.88
CA GLN B 381 -17.00 -6.71 -8.97
C GLN B 381 -18.38 -6.74 -9.62
N ASN B 382 -19.44 -6.40 -8.88
CA ASN B 382 -20.73 -6.24 -9.55
C ASN B 382 -20.67 -5.07 -10.52
N LEU B 383 -20.06 -3.95 -10.10
CA LEU B 383 -19.93 -2.79 -11.00
C LEU B 383 -18.99 -3.08 -12.17
N VAL B 384 -17.84 -3.71 -11.87
CA VAL B 384 -16.95 -4.21 -12.92
C VAL B 384 -17.72 -5.03 -13.95
N ASP B 385 -18.67 -5.87 -13.49
CA ASP B 385 -19.47 -6.69 -14.40
C ASP B 385 -20.34 -5.83 -15.29
N PHE B 386 -20.97 -4.81 -14.72
CA PHE B 386 -21.84 -3.96 -15.52
C PHE B 386 -21.03 -3.14 -16.53
N ILE B 387 -19.92 -2.55 -16.07
CA ILE B 387 -19.02 -1.80 -16.95
C ILE B 387 -18.62 -2.66 -18.14
N LYS B 388 -18.21 -3.90 -17.85
CA LYS B 388 -17.76 -4.77 -18.93
C LYS B 388 -18.94 -5.18 -19.80
N GLU B 389 -20.12 -5.38 -19.22
CA GLU B 389 -21.27 -5.82 -20.00
C GLU B 389 -21.77 -4.69 -20.89
N PHE B 390 -21.83 -3.46 -20.36
CA PHE B 390 -22.36 -2.33 -21.13
C PHE B 390 -21.51 -2.00 -22.35
N ALA B 391 -20.19 -2.22 -22.30
CA ALA B 391 -19.32 -1.92 -23.43
C ALA B 391 -19.48 -2.93 -24.55
N GLU B 392 -19.47 -4.23 -24.21
CA GLU B 392 -19.74 -5.26 -25.20
C GLU B 392 -21.18 -5.18 -25.70
N LYS B 393 -22.09 -4.61 -24.90
CA LYS B 393 -23.46 -4.41 -25.37
C LYS B 393 -23.52 -3.31 -26.43
N ASN B 394 -22.67 -2.29 -26.33
CA ASN B 394 -22.65 -1.21 -27.33
C ASN B 394 -21.24 -0.97 -27.91
#